data_5RM7
#
_entry.id   5RM7
#
_cell.length_a   59.151
_cell.length_b   70.168
_cell.length_c   85.300
_cell.angle_alpha   102.360
_cell.angle_beta   96.320
_cell.angle_gamma   112.510
#
_symmetry.space_group_name_H-M   'P 1'
#
loop_
_entity.id
_entity.type
_entity.pdbx_description
1 polymer Helicase
2 non-polymer 'ZINC ION'
3 non-polymer 'PHOSPHATE ION'
4 non-polymer ~{N}-(4-hydroxyphenyl)-3-phenyl-propanamide
5 water water
#
_entity_poly.entity_id   1
_entity_poly.type   'polypeptide(L)'
_entity_poly.pdbx_seq_one_letter_code
;AVGACVLCNSQTSLRCGACIRRPFLCCKCCYDHVISTSHKLVLSVNPYVCNAPGCDVTDVTQLYLGGMSYYCKSHKPPIS
FPLCANGQVFGLYKNTCVGSDNVTDFNAIATCDWTNAGDYILANTCTERLKLFAAETLKATEETFKLSYGIATVREVLSD
RELHLSWEVGKPRPPLNRNYVFTGYRVTKNSKVQIGEYTFEKGDYGDAVVYRGTTTYKLNVGDYFVLTSHTVMPLSAPTL
VPQEHYVRITGLYPTLNISDEFSSNVANYQKVGMQKYSTLQGPPGTGKSHFAIGLALYYPSARIVYTACSHAAVDALCEK
ALKYLPIDKCSRIIPARARVECFDKFKVNSTLEQYVFCTVNALPETTADIVVFDEISMATNYDLSVVNARLRAKHYVYIG
DPAQLPAPRTLLTKGTLEPEYFNSVCRLMKTIGPDMFLGTCRRCPAEIVDTVSALVYDNKLKAHKDKSAQCFKMFYKGVI
THDVSSAINRPQIGVVREFLTRNPAWRKAVFISPYNSQNAVASKILGLPTQTVDSSQGSEYDYVIFTQTTETAHSCNVNR
FNVAITRAKVGILCIMSDRDLYDKLQFTSLEIPRRNVATLQ
;
_entity_poly.pdbx_strand_id   A,B
#
# COMPACT_ATOMS: atom_id res chain seq x y z
N ALA A 1 -2.17 -26.20 5.64
CA ALA A 1 -2.89 -27.35 4.99
C ALA A 1 -4.27 -27.61 5.63
N VAL A 2 -4.72 -26.78 6.58
CA VAL A 2 -6.07 -26.85 7.21
C VAL A 2 -6.85 -25.59 6.81
N GLY A 3 -8.11 -25.75 6.41
CA GLY A 3 -8.96 -24.67 5.86
C GLY A 3 -10.41 -25.05 5.85
N ALA A 4 -11.27 -24.20 5.26
CA ALA A 4 -12.72 -24.39 5.19
C ALA A 4 -13.14 -24.74 3.75
N CYS A 5 -14.25 -25.48 3.63
CA CYS A 5 -14.88 -25.99 2.37
C CYS A 5 -15.55 -24.83 1.62
N VAL A 6 -14.99 -24.40 0.47
CA VAL A 6 -15.50 -23.22 -0.31
C VAL A 6 -16.98 -23.43 -0.70
N LEU A 7 -17.56 -24.62 -0.48
CA LEU A 7 -19.00 -24.86 -0.81
C LEU A 7 -19.87 -24.87 0.45
N CYS A 8 -19.45 -25.52 1.55
CA CYS A 8 -20.27 -25.73 2.78
C CYS A 8 -19.49 -25.44 4.07
N ASN A 9 -18.31 -24.80 3.97
CA ASN A 9 -17.51 -24.25 5.09
C ASN A 9 -16.87 -25.34 5.96
N SER A 10 -17.42 -26.57 5.99
CA SER A 10 -16.91 -27.74 6.78
C SER A 10 -15.37 -27.75 6.71
N GLN A 11 -14.70 -27.91 7.84
CA GLN A 11 -13.21 -27.96 7.90
C GLN A 11 -12.73 -29.19 7.10
N THR A 12 -11.51 -29.14 6.56
CA THR A 12 -10.83 -30.29 5.90
C THR A 12 -9.34 -30.00 5.72
N SER A 13 -8.59 -31.05 5.37
CA SER A 13 -7.18 -31.01 4.91
C SER A 13 -7.14 -31.05 3.36
N LEU A 14 -8.30 -31.32 2.74
CA LEU A 14 -8.42 -31.60 1.28
C LEU A 14 -8.60 -30.29 0.49
N ARG A 15 -7.57 -29.93 -0.29
CA ARG A 15 -7.61 -28.95 -1.42
C ARG A 15 -7.65 -29.72 -2.75
N CYS A 16 -8.26 -29.15 -3.80
CA CYS A 16 -8.17 -29.68 -5.19
C CYS A 16 -6.89 -29.16 -5.84
N GLY A 17 -5.97 -30.05 -6.19
CA GLY A 17 -4.68 -29.70 -6.82
C GLY A 17 -4.84 -29.35 -8.29
N ALA A 18 -6.05 -29.51 -8.84
CA ALA A 18 -6.31 -29.39 -10.29
C ALA A 18 -6.91 -28.01 -10.57
N CYS A 19 -7.91 -27.59 -9.77
CA CYS A 19 -8.28 -26.15 -9.63
C CYS A 19 -7.03 -25.24 -9.55
N ILE A 20 -6.95 -24.24 -10.43
CA ILE A 20 -5.89 -23.17 -10.49
C ILE A 20 -5.77 -22.45 -9.14
N ARG A 21 -6.84 -22.34 -8.35
CA ARG A 21 -6.82 -21.62 -7.04
C ARG A 21 -6.61 -22.57 -5.85
N ARG A 22 -6.64 -23.91 -6.05
CA ARG A 22 -6.40 -24.94 -4.99
C ARG A 22 -7.34 -24.72 -3.81
N PRO A 23 -8.65 -24.60 -4.05
CA PRO A 23 -9.61 -24.40 -2.97
C PRO A 23 -9.69 -25.63 -2.05
N PHE A 24 -9.78 -25.37 -0.75
CA PHE A 24 -10.19 -26.34 0.31
C PHE A 24 -11.59 -26.89 -0.03
N LEU A 25 -11.75 -28.21 -0.05
CA LEU A 25 -13.06 -28.91 -0.24
C LEU A 25 -13.26 -29.92 0.90
N CYS A 26 -14.47 -30.02 1.46
CA CYS A 26 -14.78 -31.04 2.48
C CYS A 26 -14.88 -32.40 1.78
N CYS A 27 -14.69 -33.48 2.53
CA CYS A 27 -14.78 -34.88 2.08
C CYS A 27 -16.01 -35.09 1.18
N LYS A 28 -17.20 -34.67 1.62
CA LYS A 28 -18.49 -34.92 0.91
C LYS A 28 -18.51 -34.20 -0.45
N CYS A 29 -17.92 -33.00 -0.53
CA CYS A 29 -17.93 -32.09 -1.71
C CYS A 29 -16.70 -32.35 -2.61
N CYS A 30 -15.55 -32.72 -2.05
CA CYS A 30 -14.32 -33.12 -2.81
C CYS A 30 -14.62 -34.35 -3.68
N TYR A 31 -15.45 -35.26 -3.18
CA TYR A 31 -15.91 -36.45 -3.94
C TYR A 31 -16.69 -35.96 -5.16
N ASP A 32 -17.76 -35.19 -4.92
CA ASP A 32 -18.73 -34.73 -5.94
C ASP A 32 -18.01 -33.95 -7.05
N HIS A 33 -16.89 -33.27 -6.71
CA HIS A 33 -15.96 -32.58 -7.65
C HIS A 33 -15.21 -33.63 -8.51
N VAL A 34 -14.43 -34.53 -7.86
CA VAL A 34 -13.44 -35.40 -8.57
C VAL A 34 -14.19 -36.43 -9.42
N ILE A 35 -15.37 -36.86 -8.98
CA ILE A 35 -16.14 -37.95 -9.63
C ILE A 35 -16.89 -37.42 -10.85
N SER A 36 -16.99 -36.09 -11.04
CA SER A 36 -17.79 -35.43 -12.10
C SER A 36 -16.93 -34.55 -13.02
N THR A 37 -15.65 -34.32 -12.69
CA THR A 37 -14.74 -33.47 -13.52
C THR A 37 -13.45 -34.24 -13.84
N SER A 38 -12.59 -33.65 -14.68
CA SER A 38 -11.24 -34.16 -15.00
C SER A 38 -10.28 -33.87 -13.83
N HIS A 39 -10.79 -33.30 -12.74
CA HIS A 39 -9.98 -32.94 -11.55
C HIS A 39 -9.88 -34.17 -10.64
N LYS A 40 -8.69 -34.77 -10.54
CA LYS A 40 -8.48 -36.02 -9.76
C LYS A 40 -7.35 -35.86 -8.74
N LEU A 41 -6.53 -34.80 -8.82
CA LEU A 41 -5.47 -34.52 -7.80
C LEU A 41 -6.11 -33.82 -6.59
N VAL A 42 -6.05 -34.50 -5.45
CA VAL A 42 -6.48 -34.01 -4.12
C VAL A 42 -5.22 -33.82 -3.28
N LEU A 43 -4.97 -32.59 -2.79
CA LEU A 43 -3.83 -32.25 -1.91
C LEU A 43 -4.28 -32.30 -0.44
N SER A 44 -3.32 -32.60 0.45
CA SER A 44 -3.43 -32.57 1.93
C SER A 44 -2.07 -32.09 2.47
N VAL A 45 -1.68 -32.44 3.70
CA VAL A 45 -0.33 -32.14 4.25
C VAL A 45 0.69 -32.66 3.22
N ASN A 46 0.35 -33.81 2.64
CA ASN A 46 1.09 -34.52 1.57
C ASN A 46 0.07 -34.83 0.48
N PRO A 47 0.47 -34.84 -0.81
CA PRO A 47 -0.48 -35.08 -1.89
C PRO A 47 -1.00 -36.53 -1.87
N TYR A 48 -2.26 -36.72 -2.25
CA TYR A 48 -2.89 -38.02 -2.53
C TYR A 48 -2.30 -38.59 -3.82
N VAL A 49 -1.14 -39.23 -3.68
CA VAL A 49 -0.36 -39.90 -4.76
C VAL A 49 0.09 -41.27 -4.22
N CYS A 50 0.33 -42.23 -5.11
CA CYS A 50 0.82 -43.58 -4.72
C CYS A 50 2.20 -43.42 -4.09
N ASN A 51 2.39 -43.93 -2.87
CA ASN A 51 3.67 -43.78 -2.15
C ASN A 51 4.71 -44.81 -2.63
N ALA A 52 4.30 -45.82 -3.40
CA ALA A 52 5.20 -46.87 -3.95
C ALA A 52 6.28 -46.22 -4.81
N PRO A 53 7.58 -46.52 -4.61
CA PRO A 53 8.64 -45.89 -5.40
C PRO A 53 8.38 -46.00 -6.91
N GLY A 54 8.44 -44.87 -7.64
CA GLY A 54 8.44 -44.84 -9.11
C GLY A 54 7.05 -44.81 -9.71
N CYS A 55 6.01 -45.02 -8.90
CA CYS A 55 4.60 -45.09 -9.35
C CYS A 55 4.05 -43.67 -9.54
N ASP A 56 3.34 -43.42 -10.64
CA ASP A 56 2.94 -42.04 -11.06
C ASP A 56 1.42 -41.89 -11.00
N VAL A 57 0.72 -42.75 -10.26
CA VAL A 57 -0.76 -42.70 -10.06
C VAL A 57 -1.06 -41.57 -9.07
N THR A 58 -1.70 -40.49 -9.56
CA THR A 58 -2.11 -39.28 -8.78
C THR A 58 -3.64 -39.16 -8.75
N ASP A 59 -4.38 -40.05 -9.44
CA ASP A 59 -5.85 -40.01 -9.55
C ASP A 59 -6.43 -40.62 -8.29
N VAL A 60 -7.03 -39.76 -7.45
CA VAL A 60 -7.65 -40.07 -6.13
C VAL A 60 -8.67 -41.20 -6.25
N THR A 61 -9.27 -41.38 -7.44
CA THR A 61 -10.32 -42.41 -7.70
C THR A 61 -9.66 -43.78 -7.86
N GLN A 62 -8.35 -43.79 -8.18
CA GLN A 62 -7.52 -45.01 -8.37
C GLN A 62 -6.60 -45.25 -7.16
N LEU A 63 -6.84 -44.59 -6.01
CA LEU A 63 -5.93 -44.63 -4.84
C LEU A 63 -6.67 -45.14 -3.59
N TYR A 64 -5.89 -45.68 -2.66
CA TYR A 64 -6.36 -46.34 -1.40
C TYR A 64 -5.41 -45.93 -0.26
N LEU A 65 -5.95 -45.89 0.95
CA LEU A 65 -5.17 -45.71 2.21
C LEU A 65 -4.74 -47.10 2.72
N GLY A 66 -3.45 -47.38 2.69
CA GLY A 66 -2.83 -48.58 3.27
C GLY A 66 -2.09 -48.22 4.53
N GLY A 67 -2.70 -48.49 5.69
CA GLY A 67 -2.26 -47.97 6.99
C GLY A 67 -2.30 -46.45 7.02
N MET A 68 -1.12 -45.82 6.94
CA MET A 68 -0.93 -44.35 7.07
C MET A 68 -0.72 -43.72 5.68
N SER A 69 -0.30 -44.51 4.69
CA SER A 69 0.12 -44.02 3.34
C SER A 69 -0.97 -44.28 2.30
N TYR A 70 -0.73 -43.80 1.08
CA TYR A 70 -1.66 -43.89 -0.05
C TYR A 70 -0.96 -44.72 -1.13
N TYR A 71 -1.71 -45.65 -1.69
CA TYR A 71 -1.23 -46.54 -2.78
C TYR A 71 -2.33 -46.70 -3.83
N CYS A 72 -1.93 -46.99 -5.06
CA CYS A 72 -2.84 -47.38 -6.17
C CYS A 72 -3.25 -48.86 -6.05
N LYS A 73 -4.10 -49.33 -6.97
CA LYS A 73 -4.62 -50.72 -7.02
C LYS A 73 -3.45 -51.70 -7.10
N SER A 74 -2.40 -51.35 -7.87
CA SER A 74 -1.20 -52.17 -8.17
C SER A 74 -0.28 -52.31 -6.95
N HIS A 75 -0.38 -51.44 -5.93
CA HIS A 75 0.64 -51.27 -4.86
C HIS A 75 0.03 -51.35 -3.45
N LYS A 76 -1.28 -51.18 -3.30
CA LYS A 76 -1.94 -51.17 -1.97
C LYS A 76 -1.73 -52.50 -1.25
N PRO A 77 -1.69 -52.50 0.09
CA PRO A 77 -1.60 -53.75 0.86
C PRO A 77 -2.96 -54.42 0.97
N PRO A 78 -3.05 -55.70 1.41
CA PRO A 78 -4.35 -56.35 1.53
C PRO A 78 -5.35 -55.52 2.35
N ILE A 79 -4.97 -54.97 3.50
CA ILE A 79 -5.90 -54.18 4.36
C ILE A 79 -5.74 -52.69 3.99
N SER A 80 -6.56 -52.24 3.03
CA SER A 80 -6.57 -50.87 2.46
C SER A 80 -7.99 -50.45 2.04
N PHE A 81 -8.37 -49.24 2.43
CA PHE A 81 -9.64 -48.53 2.12
C PHE A 81 -9.48 -47.70 0.84
N PRO A 82 -10.43 -47.71 -0.12
CA PRO A 82 -10.36 -46.76 -1.25
C PRO A 82 -10.60 -45.31 -0.79
N LEU A 83 -9.78 -44.36 -1.26
CA LEU A 83 -9.86 -42.94 -0.83
C LEU A 83 -11.22 -42.36 -1.20
N CYS A 84 -11.74 -42.76 -2.37
CA CYS A 84 -13.08 -42.40 -2.88
C CYS A 84 -14.03 -43.58 -2.66
N ALA A 85 -14.96 -43.45 -1.72
CA ALA A 85 -16.11 -44.36 -1.53
C ALA A 85 -17.20 -43.68 -0.70
N ASN A 86 -18.44 -44.18 -0.84
CA ASN A 86 -19.61 -43.74 -0.04
C ASN A 86 -19.69 -42.21 -0.05
N GLY A 87 -19.66 -41.61 -1.26
CA GLY A 87 -19.89 -40.17 -1.48
C GLY A 87 -18.88 -39.26 -0.81
N GLN A 88 -17.72 -39.79 -0.39
CA GLN A 88 -16.67 -39.00 0.32
C GLN A 88 -15.27 -39.37 -0.17
N VAL A 89 -14.31 -38.48 0.10
CA VAL A 89 -12.84 -38.66 -0.08
C VAL A 89 -12.25 -38.63 1.34
N PHE A 90 -11.60 -39.72 1.76
CA PHE A 90 -11.01 -39.84 3.12
C PHE A 90 -10.13 -38.61 3.39
N GLY A 91 -10.52 -37.85 4.42
CA GLY A 91 -9.71 -36.77 5.00
C GLY A 91 -10.08 -36.57 6.46
N LEU A 92 -9.46 -35.59 7.11
CA LEU A 92 -9.76 -35.24 8.53
C LEU A 92 -11.12 -34.54 8.58
N TYR A 93 -11.78 -34.58 9.75
CA TYR A 93 -13.05 -33.88 10.09
C TYR A 93 -14.24 -34.50 9.33
N LYS A 94 -14.05 -35.70 8.74
CA LYS A 94 -15.07 -36.42 7.94
C LYS A 94 -16.36 -36.55 8.74
N VAL A 103 -22.69 -28.09 -6.04
CA VAL A 103 -21.30 -28.41 -6.49
C VAL A 103 -21.26 -28.58 -8.03
N THR A 104 -22.38 -28.95 -8.68
CA THR A 104 -22.60 -28.81 -10.15
C THR A 104 -22.04 -27.47 -10.62
N ASP A 105 -22.46 -26.37 -9.99
CA ASP A 105 -22.03 -24.98 -10.29
C ASP A 105 -20.53 -24.83 -10.00
N PHE A 106 -20.05 -25.30 -8.86
CA PHE A 106 -18.61 -25.28 -8.51
C PHE A 106 -17.81 -25.99 -9.62
N ASN A 107 -18.34 -27.09 -10.17
CA ASN A 107 -17.62 -27.90 -11.20
C ASN A 107 -17.44 -27.06 -12.46
N ALA A 108 -18.52 -26.41 -12.91
CA ALA A 108 -18.56 -25.58 -14.14
C ALA A 108 -17.59 -24.40 -14.00
N ILE A 109 -17.58 -23.75 -12.82
CA ILE A 109 -16.66 -22.60 -12.52
C ILE A 109 -15.21 -23.09 -12.54
N ALA A 110 -14.92 -24.20 -11.84
CA ALA A 110 -13.56 -24.74 -11.63
C ALA A 110 -12.90 -25.16 -12.95
N THR A 111 -13.69 -25.62 -13.91
CA THR A 111 -13.19 -26.24 -15.17
C THR A 111 -13.30 -25.30 -16.38
N CYS A 112 -14.21 -24.30 -16.38
CA CYS A 112 -14.47 -23.44 -17.58
C CYS A 112 -13.20 -22.67 -17.94
N ASP A 113 -13.07 -22.23 -19.19
CA ASP A 113 -11.89 -21.44 -19.66
C ASP A 113 -12.27 -19.94 -19.70
N TRP A 114 -13.53 -19.58 -19.43
CA TRP A 114 -14.01 -18.18 -19.27
C TRP A 114 -14.09 -17.45 -20.62
N THR A 115 -14.26 -18.19 -21.71
CA THR A 115 -14.36 -17.66 -23.10
C THR A 115 -15.86 -17.51 -23.47
N ASN A 116 -16.76 -18.06 -22.66
CA ASN A 116 -18.21 -18.16 -22.96
C ASN A 116 -18.96 -17.28 -21.96
N ALA A 117 -19.96 -16.54 -22.45
CA ALA A 117 -20.82 -15.68 -21.61
C ALA A 117 -21.40 -16.48 -20.44
N GLY A 118 -21.90 -17.69 -20.69
CA GLY A 118 -22.52 -18.62 -19.71
C GLY A 118 -21.65 -18.86 -18.47
N ASP A 119 -20.33 -18.76 -18.63
CA ASP A 119 -19.35 -18.82 -17.52
C ASP A 119 -19.56 -17.61 -16.59
N TYR A 120 -19.87 -16.44 -17.18
CA TYR A 120 -20.01 -15.18 -16.40
C TYR A 120 -21.39 -15.18 -15.78
N ILE A 121 -22.36 -15.75 -16.47
CA ILE A 121 -23.75 -15.86 -15.97
C ILE A 121 -23.68 -16.66 -14.67
N LEU A 122 -23.11 -17.87 -14.73
CA LEU A 122 -22.96 -18.78 -13.58
C LEU A 122 -22.18 -18.11 -12.44
N ALA A 123 -21.06 -17.43 -12.71
CA ALA A 123 -20.25 -16.70 -11.69
C ALA A 123 -21.06 -15.57 -11.02
N ASN A 124 -22.30 -15.34 -11.43
CA ASN A 124 -23.13 -14.19 -10.96
C ASN A 124 -24.52 -14.67 -10.52
N THR A 125 -24.89 -15.93 -10.79
CA THR A 125 -26.17 -16.51 -10.32
C THR A 125 -25.89 -17.58 -9.24
N CYS A 126 -24.63 -17.86 -8.92
CA CYS A 126 -24.23 -18.92 -7.96
C CYS A 126 -24.41 -18.39 -6.52
N THR A 127 -24.13 -19.22 -5.51
CA THR A 127 -23.99 -18.80 -4.08
C THR A 127 -22.85 -17.78 -3.98
N GLU A 128 -22.77 -17.08 -2.83
CA GLU A 128 -21.88 -15.94 -2.57
C GLU A 128 -20.44 -16.41 -2.46
N ARG A 129 -20.19 -17.52 -1.75
CA ARG A 129 -18.81 -18.08 -1.65
C ARG A 129 -18.36 -18.55 -3.05
N LEU A 130 -19.28 -18.97 -3.91
CA LEU A 130 -18.91 -19.42 -5.28
C LEU A 130 -18.63 -18.21 -6.17
N LYS A 131 -19.29 -17.06 -5.90
CA LYS A 131 -19.01 -15.78 -6.61
C LYS A 131 -17.55 -15.38 -6.35
N LEU A 132 -17.01 -15.64 -5.15
CA LEU A 132 -15.60 -15.28 -4.84
C LEU A 132 -14.64 -16.26 -5.51
N PHE A 133 -14.99 -17.54 -5.52
CA PHE A 133 -14.16 -18.60 -6.14
C PHE A 133 -14.08 -18.30 -7.65
N ALA A 134 -15.26 -18.07 -8.24
CA ALA A 134 -15.45 -17.65 -9.65
C ALA A 134 -14.55 -16.45 -9.99
N ALA A 135 -14.64 -15.36 -9.20
CA ALA A 135 -13.91 -14.09 -9.44
C ALA A 135 -12.39 -14.31 -9.36
N GLU A 136 -11.93 -15.05 -8.36
CA GLU A 136 -10.49 -15.41 -8.17
C GLU A 136 -9.99 -16.23 -9.36
N THR A 137 -10.78 -17.24 -9.75
CA THR A 137 -10.41 -18.24 -10.80
C THR A 137 -10.30 -17.48 -12.13
N LEU A 138 -11.32 -16.68 -12.45
CA LEU A 138 -11.39 -15.83 -13.66
C LEU A 138 -10.15 -14.95 -13.71
N LYS A 139 -9.88 -14.17 -12.65
CA LYS A 139 -8.75 -13.20 -12.66
C LYS A 139 -7.42 -13.92 -12.81
N ALA A 140 -7.25 -15.08 -12.16
CA ALA A 140 -6.03 -15.90 -12.29
C ALA A 140 -5.90 -16.30 -13.76
N THR A 141 -6.99 -16.84 -14.33
CA THR A 141 -7.04 -17.27 -15.75
C THR A 141 -6.69 -16.08 -16.66
N GLU A 142 -7.29 -14.91 -16.44
CA GLU A 142 -6.99 -13.69 -17.23
C GLU A 142 -5.48 -13.40 -17.16
N GLU A 143 -4.86 -13.54 -15.98
CA GLU A 143 -3.44 -13.12 -15.75
C GLU A 143 -2.49 -14.15 -16.39
N THR A 144 -2.73 -15.45 -16.19
CA THR A 144 -1.89 -16.56 -16.74
C THR A 144 -2.10 -16.68 -18.25
N PHE A 145 -3.16 -16.08 -18.81
CA PHE A 145 -3.36 -15.95 -20.27
C PHE A 145 -2.40 -14.87 -20.82
N LYS A 146 -2.12 -13.82 -20.04
CA LYS A 146 -1.27 -12.68 -20.48
C LYS A 146 0.16 -13.19 -20.77
N LEU A 147 0.59 -14.23 -20.06
CA LEU A 147 1.92 -14.90 -20.26
C LEU A 147 2.01 -15.48 -21.69
N SER A 148 0.90 -15.49 -22.43
CA SER A 148 0.75 -16.14 -23.76
C SER A 148 0.54 -15.08 -24.86
N TYR A 149 1.56 -14.25 -25.10
CA TYR A 149 1.60 -13.17 -26.13
C TYR A 149 3.05 -12.86 -26.50
N GLY A 150 3.28 -12.21 -27.65
CA GLY A 150 4.62 -11.92 -28.20
C GLY A 150 5.22 -10.65 -27.64
N ILE A 151 6.55 -10.64 -27.45
CA ILE A 151 7.35 -9.45 -27.02
C ILE A 151 7.52 -8.53 -28.25
N ALA A 152 7.63 -7.22 -28.03
CA ALA A 152 7.84 -6.18 -29.06
C ALA A 152 9.18 -5.47 -28.82
N THR A 153 10.28 -6.04 -29.31
CA THR A 153 11.65 -5.45 -29.21
C THR A 153 11.71 -4.28 -30.19
N VAL A 154 12.08 -3.09 -29.70
CA VAL A 154 12.08 -1.80 -30.48
C VAL A 154 13.13 -1.89 -31.59
N ARG A 155 12.70 -1.70 -32.84
CA ARG A 155 13.58 -1.68 -34.05
C ARG A 155 14.17 -0.28 -34.21
N GLU A 156 13.34 0.77 -34.23
CA GLU A 156 13.78 2.19 -34.40
C GLU A 156 12.78 3.18 -33.80
N VAL A 157 13.28 4.36 -33.39
CA VAL A 157 12.52 5.48 -32.73
C VAL A 157 12.46 6.66 -33.70
N LEU A 158 11.26 7.02 -34.18
CA LEU A 158 11.05 8.10 -35.18
C LEU A 158 11.10 9.46 -34.48
N SER A 159 10.26 9.63 -33.44
CA SER A 159 10.05 10.90 -32.71
C SER A 159 9.79 10.59 -31.23
N ASP A 160 9.19 11.55 -30.50
CA ASP A 160 8.83 11.46 -29.06
C ASP A 160 7.42 10.89 -28.89
N ARG A 161 6.71 10.60 -29.99
CA ARG A 161 5.33 10.02 -29.97
C ARG A 161 5.16 8.95 -31.07
N GLU A 162 6.23 8.44 -31.67
CA GLU A 162 6.17 7.40 -32.74
C GLU A 162 7.45 6.56 -32.73
N LEU A 163 7.33 5.24 -32.89
CA LEU A 163 8.47 4.31 -33.14
C LEU A 163 7.99 3.08 -33.92
N HIS A 164 8.95 2.25 -34.38
CA HIS A 164 8.74 0.97 -35.11
C HIS A 164 9.02 -0.21 -34.16
N LEU A 165 8.34 -1.35 -34.34
CA LEU A 165 8.44 -2.53 -33.44
C LEU A 165 8.63 -3.83 -34.25
N SER A 166 9.53 -4.69 -33.77
CA SER A 166 9.72 -6.10 -34.22
C SER A 166 9.02 -7.04 -33.23
N TRP A 167 8.15 -7.93 -33.73
CA TRP A 167 7.25 -8.80 -32.92
C TRP A 167 7.79 -10.25 -32.86
N GLU A 168 7.78 -10.84 -31.66
CA GLU A 168 8.25 -12.24 -31.39
C GLU A 168 7.46 -13.20 -32.28
N VAL A 169 8.18 -14.01 -33.07
CA VAL A 169 7.61 -15.08 -33.95
C VAL A 169 7.13 -16.22 -33.05
N GLY A 170 6.00 -16.84 -33.39
CA GLY A 170 5.43 -18.05 -32.73
C GLY A 170 4.40 -17.72 -31.66
N LYS A 171 4.29 -16.46 -31.24
CA LYS A 171 3.30 -16.00 -30.23
C LYS A 171 2.45 -14.87 -30.81
N PRO A 172 1.12 -14.86 -30.56
CA PRO A 172 0.24 -13.84 -31.14
C PRO A 172 0.61 -12.43 -30.69
N ARG A 173 0.13 -11.41 -31.42
CA ARG A 173 0.35 -9.97 -31.11
C ARG A 173 -0.91 -9.41 -30.46
N PRO A 174 -0.81 -8.79 -29.26
CA PRO A 174 -1.97 -8.28 -28.55
C PRO A 174 -2.60 -7.05 -29.22
N PRO A 175 -3.90 -6.79 -29.00
CA PRO A 175 -4.54 -5.57 -29.50
C PRO A 175 -3.81 -4.31 -29.01
N LEU A 176 -3.47 -3.40 -29.93
CA LEU A 176 -2.71 -2.15 -29.63
C LEU A 176 -3.68 -0.99 -29.36
N ASN A 177 -4.35 -1.02 -28.20
CA ASN A 177 -5.30 0.04 -27.77
C ASN A 177 -4.86 0.55 -26.39
N ARG A 178 -5.62 1.48 -25.81
CA ARG A 178 -5.40 2.05 -24.46
C ARG A 178 -5.72 1.00 -23.39
N ASN A 179 -6.53 -0.02 -23.72
CA ASN A 179 -6.94 -1.13 -22.81
C ASN A 179 -5.72 -1.92 -22.37
N TYR A 180 -4.76 -2.18 -23.28
CA TYR A 180 -3.56 -3.04 -23.07
C TYR A 180 -2.37 -2.17 -22.68
N VAL A 181 -2.08 -2.09 -21.38
CA VAL A 181 -0.95 -1.29 -20.81
C VAL A 181 0.23 -2.23 -20.59
N PHE A 182 1.31 -2.04 -21.37
CA PHE A 182 2.57 -2.82 -21.31
C PHE A 182 3.46 -2.30 -20.19
N THR A 183 4.50 -3.07 -19.85
CA THR A 183 5.62 -2.67 -18.97
C THR A 183 6.88 -2.64 -19.81
N GLY A 184 7.56 -1.50 -19.85
CA GLY A 184 8.82 -1.29 -20.59
C GLY A 184 10.02 -1.75 -19.79
N TYR A 185 11.11 -2.12 -20.48
CA TYR A 185 12.37 -2.63 -19.87
C TYR A 185 13.57 -2.26 -20.77
N GLN A 194 12.81 -1.39 -15.75
CA GLN A 194 11.41 -1.16 -15.32
C GLN A 194 11.00 0.27 -15.71
N ILE A 195 11.18 0.63 -16.98
CA ILE A 195 11.09 2.04 -17.50
C ILE A 195 9.62 2.48 -17.54
N GLY A 196 8.79 1.97 -16.63
CA GLY A 196 7.39 2.42 -16.44
C GLY A 196 6.46 1.87 -17.49
N GLU A 197 5.16 1.95 -17.23
CA GLU A 197 4.08 1.41 -18.10
C GLU A 197 4.07 2.19 -19.43
N TYR A 198 3.65 1.54 -20.52
CA TYR A 198 3.67 2.09 -21.91
C TYR A 198 2.45 1.54 -22.68
N THR A 199 1.70 2.41 -23.36
CA THR A 199 0.56 2.05 -24.27
C THR A 199 0.91 2.46 -25.72
N PHE A 200 0.09 2.04 -26.69
CA PHE A 200 0.30 2.24 -28.16
C PHE A 200 -1.04 2.49 -28.87
N GLU A 201 -0.97 3.12 -30.05
CA GLU A 201 -2.15 3.43 -30.93
C GLU A 201 -1.76 3.34 -32.40
N LYS A 202 -2.77 3.30 -33.29
CA LYS A 202 -2.63 3.26 -34.78
C LYS A 202 -2.43 4.69 -35.31
N ASP A 207 5.07 1.67 -41.54
CA ASP A 207 4.81 0.94 -40.27
C ASP A 207 5.14 1.83 -39.06
N ALA A 208 4.45 2.97 -38.92
CA ALA A 208 4.64 3.96 -37.83
C ALA A 208 3.53 3.79 -36.78
N VAL A 209 3.90 3.40 -35.55
CA VAL A 209 2.97 3.19 -34.41
C VAL A 209 3.20 4.29 -33.36
N VAL A 210 2.11 4.72 -32.68
CA VAL A 210 2.09 5.87 -31.72
C VAL A 210 2.31 5.32 -30.29
N TYR A 211 3.48 5.61 -29.68
CA TYR A 211 3.91 5.09 -28.36
C TYR A 211 3.66 6.16 -27.28
N ARG A 212 3.19 5.75 -26.10
CA ARG A 212 2.75 6.68 -25.02
C ARG A 212 3.26 6.18 -23.66
N GLY A 213 4.51 6.49 -23.32
CA GLY A 213 5.16 6.08 -22.06
C GLY A 213 4.64 6.88 -20.88
N THR A 214 4.22 6.22 -19.80
CA THR A 214 3.69 6.85 -18.57
C THR A 214 4.78 7.74 -17.97
N THR A 215 6.03 7.25 -17.93
CA THR A 215 7.24 8.04 -17.56
C THR A 215 7.93 8.46 -18.86
N THR A 216 8.15 9.77 -19.05
CA THR A 216 8.83 10.33 -20.26
C THR A 216 10.26 9.76 -20.31
N TYR A 217 10.59 9.04 -21.38
CA TYR A 217 11.88 8.31 -21.53
C TYR A 217 12.21 8.18 -23.03
N LYS A 218 13.39 8.69 -23.42
CA LYS A 218 13.92 8.64 -24.80
C LYS A 218 14.10 7.18 -25.21
N LEU A 219 13.00 6.52 -25.61
CA LEU A 219 12.88 5.06 -25.89
C LEU A 219 14.19 4.55 -26.52
N ASN A 220 14.85 3.57 -25.86
CA ASN A 220 16.12 2.95 -26.33
C ASN A 220 15.80 1.85 -27.35
N VAL A 221 16.50 1.83 -28.49
CA VAL A 221 16.41 0.75 -29.52
C VAL A 221 17.00 -0.53 -28.93
N GLY A 222 16.25 -1.64 -29.01
CA GLY A 222 16.62 -2.94 -28.42
C GLY A 222 15.86 -3.22 -27.13
N ASP A 223 15.51 -2.18 -26.37
CA ASP A 223 14.63 -2.32 -25.16
C ASP A 223 13.34 -3.04 -25.59
N TYR A 224 12.80 -3.90 -24.73
CA TYR A 224 11.65 -4.79 -25.01
C TYR A 224 10.49 -4.47 -24.07
N PHE A 225 9.26 -4.74 -24.52
CA PHE A 225 8.00 -4.57 -23.74
C PHE A 225 7.36 -5.94 -23.47
N VAL A 226 6.76 -6.08 -22.28
CA VAL A 226 5.98 -7.28 -21.83
C VAL A 226 4.80 -6.80 -20.98
N LEU A 227 3.67 -7.51 -21.03
CA LEU A 227 2.39 -7.07 -20.40
C LEU A 227 2.44 -7.24 -18.88
N THR A 228 1.77 -6.34 -18.17
CA THR A 228 1.76 -6.22 -16.70
C THR A 228 0.97 -7.38 -16.08
N SER A 229 1.62 -8.52 -15.86
CA SER A 229 1.04 -9.72 -15.19
C SER A 229 1.10 -9.54 -13.67
N HIS A 230 -0.04 -9.28 -13.03
CA HIS A 230 -0.18 -9.08 -11.57
C HIS A 230 -0.61 -10.39 -10.91
N THR A 231 -0.10 -10.67 -9.71
CA THR A 231 -0.46 -11.85 -8.87
C THR A 231 -1.87 -11.62 -8.33
N VAL A 232 -2.75 -12.58 -8.55
CA VAL A 232 -4.17 -12.54 -8.06
C VAL A 232 -4.17 -12.99 -6.60
N MET A 233 -4.43 -12.05 -5.70
CA MET A 233 -4.60 -12.33 -4.26
C MET A 233 -5.94 -13.00 -4.04
N PRO A 234 -6.08 -13.83 -2.99
CA PRO A 234 -7.35 -14.45 -2.66
C PRO A 234 -8.37 -13.37 -2.25
N LEU A 235 -9.65 -13.71 -2.36
CA LEU A 235 -10.79 -12.91 -1.82
C LEU A 235 -11.20 -13.55 -0.50
N SER A 236 -11.82 -12.75 0.38
CA SER A 236 -12.29 -13.14 1.73
C SER A 236 -13.69 -12.57 1.97
N ALA A 237 -13.89 -11.29 1.66
CA ALA A 237 -15.15 -10.56 1.92
C ALA A 237 -16.15 -10.88 0.83
N PRO A 238 -17.47 -10.87 1.11
CA PRO A 238 -18.47 -11.09 0.09
C PRO A 238 -18.48 -9.93 -0.93
N THR A 239 -19.15 -10.13 -2.06
CA THR A 239 -19.34 -9.07 -3.08
C THR A 239 -20.14 -7.94 -2.42
N LEU A 240 -21.27 -8.34 -1.81
CA LEU A 240 -22.24 -7.53 -1.03
C LEU A 240 -22.30 -8.07 0.40
N VAL A 241 -22.05 -7.25 1.41
CA VAL A 241 -22.32 -7.63 2.84
C VAL A 241 -23.81 -8.01 2.93
N PRO A 242 -24.23 -8.76 3.97
CA PRO A 242 -25.65 -9.13 4.11
C PRO A 242 -26.45 -7.84 4.29
N GLN A 243 -27.68 -7.79 3.75
CA GLN A 243 -28.55 -6.57 3.78
C GLN A 243 -29.16 -6.44 5.18
N GLU A 244 -29.11 -5.24 5.76
CA GLU A 244 -29.81 -4.86 7.02
C GLU A 244 -30.71 -3.65 6.74
N HIS A 245 -31.99 -3.74 7.11
CA HIS A 245 -32.93 -2.60 7.15
C HIS A 245 -33.09 -2.11 8.60
N TYR A 246 -33.03 -0.80 8.80
CA TYR A 246 -33.16 -0.16 10.14
C TYR A 246 -34.46 0.65 10.19
N VAL A 247 -34.93 0.88 11.40
CA VAL A 247 -36.19 1.61 11.74
C VAL A 247 -35.92 3.11 11.59
N ARG A 248 -34.71 3.52 11.97
CA ARG A 248 -34.22 4.93 12.00
C ARG A 248 -32.84 5.00 11.34
N ILE A 249 -32.44 6.20 10.92
CA ILE A 249 -31.09 6.48 10.37
C ILE A 249 -30.08 6.05 11.42
N THR A 250 -29.10 5.22 11.04
CA THR A 250 -28.18 4.51 11.96
C THR A 250 -26.78 5.12 11.79
N GLY A 251 -26.15 5.56 12.89
CA GLY A 251 -24.74 5.97 12.95
C GLY A 251 -24.43 7.17 12.06
N LEU A 252 -25.46 7.87 11.59
CA LEU A 252 -25.34 9.10 10.75
C LEU A 252 -26.24 10.17 11.37
N TYR A 253 -25.80 11.43 11.33
CA TYR A 253 -26.53 12.58 11.91
C TYR A 253 -26.83 13.60 10.81
N PRO A 254 -28.10 13.70 10.36
CA PRO A 254 -28.48 14.60 9.28
C PRO A 254 -28.44 16.10 9.66
N THR A 255 -28.23 17.01 8.68
CA THR A 255 -28.53 18.46 8.85
C THR A 255 -30.05 18.64 8.82
N LEU A 256 -30.50 19.75 9.42
CA LEU A 256 -31.86 20.34 9.25
C LEU A 256 -31.76 21.45 8.19
N ASN A 257 -30.63 22.16 8.21
CA ASN A 257 -30.21 23.15 7.19
C ASN A 257 -29.55 22.40 6.02
N ILE A 258 -30.36 21.93 5.06
CA ILE A 258 -29.86 21.28 3.80
C ILE A 258 -30.17 22.20 2.60
N SER A 259 -29.13 22.68 1.94
CA SER A 259 -29.19 23.55 0.73
C SER A 259 -30.27 23.02 -0.22
N ASP A 260 -31.12 23.92 -0.76
CA ASP A 260 -32.21 23.63 -1.73
C ASP A 260 -31.66 22.81 -2.91
N GLU A 261 -30.40 23.07 -3.28
CA GLU A 261 -29.65 22.37 -4.37
C GLU A 261 -29.84 20.85 -4.23
N PHE A 262 -29.84 20.33 -2.99
CA PHE A 262 -29.84 18.88 -2.66
C PHE A 262 -31.15 18.45 -1.99
N SER A 263 -32.17 19.32 -1.99
CA SER A 263 -33.50 19.08 -1.39
C SER A 263 -34.20 17.91 -2.08
N SER A 264 -33.96 17.74 -3.37
CA SER A 264 -34.59 16.68 -4.20
C SER A 264 -34.22 15.31 -3.61
N ASN A 265 -32.97 15.15 -3.15
CA ASN A 265 -32.35 13.85 -2.77
C ASN A 265 -32.56 13.53 -1.28
N VAL A 266 -33.37 14.29 -0.54
CA VAL A 266 -33.41 14.19 0.95
C VAL A 266 -33.97 12.81 1.33
N ALA A 267 -35.08 12.38 0.73
CA ALA A 267 -35.76 11.10 1.08
C ALA A 267 -34.80 9.93 0.80
N ASN A 268 -34.11 9.94 -0.34
CA ASN A 268 -33.10 8.91 -0.72
C ASN A 268 -31.91 8.94 0.25
N TYR A 269 -31.53 10.13 0.74
CA TYR A 269 -30.40 10.29 1.69
C TYR A 269 -30.75 9.65 3.03
N GLN A 270 -32.03 9.73 3.42
CA GLN A 270 -32.59 9.09 4.64
C GLN A 270 -32.68 7.58 4.41
N LYS A 271 -33.04 7.14 3.20
CA LYS A 271 -33.03 5.71 2.77
C LYS A 271 -31.61 5.12 2.95
N VAL A 272 -30.58 5.84 2.49
CA VAL A 272 -29.14 5.44 2.63
C VAL A 272 -28.81 5.16 4.10
N GLY A 273 -29.33 5.98 5.02
CA GLY A 273 -29.06 5.87 6.48
C GLY A 273 -29.84 4.73 7.13
N MET A 274 -30.95 4.30 6.51
CA MET A 274 -31.92 3.33 7.09
C MET A 274 -31.78 1.91 6.48
N GLN A 275 -30.65 1.60 5.83
CA GLN A 275 -30.28 0.21 5.43
C GLN A 275 -28.76 0.15 5.26
N LYS A 276 -28.17 -1.06 5.37
CA LYS A 276 -26.70 -1.29 5.36
C LYS A 276 -26.11 -0.87 3.99
N TYR A 277 -26.68 -1.35 2.89
CA TYR A 277 -26.22 -0.90 1.54
C TYR A 277 -27.45 -0.47 0.75
N SER A 278 -27.23 0.46 -0.18
CA SER A 278 -28.28 0.92 -1.12
C SER A 278 -27.71 1.00 -2.55
N THR A 279 -28.58 0.77 -3.53
CA THR A 279 -28.28 0.83 -4.98
C THR A 279 -28.98 2.05 -5.60
N LEU A 280 -28.21 2.87 -6.32
CA LEU A 280 -28.74 4.01 -7.11
C LEU A 280 -28.48 3.81 -8.61
N GLN A 281 -29.53 3.58 -9.38
CA GLN A 281 -29.44 3.62 -10.86
C GLN A 281 -29.67 5.07 -11.30
N GLY A 282 -28.61 5.72 -11.77
CA GLY A 282 -28.67 7.05 -12.39
C GLY A 282 -28.28 7.04 -13.87
N PRO A 283 -29.27 7.05 -14.78
CA PRO A 283 -29.04 7.25 -16.22
C PRO A 283 -28.17 8.46 -16.50
N PRO A 284 -27.66 8.62 -17.74
CA PRO A 284 -26.69 9.68 -17.99
C PRO A 284 -27.34 11.05 -17.66
N GLY A 285 -26.56 11.91 -16.98
CA GLY A 285 -26.87 13.31 -16.66
C GLY A 285 -28.05 13.48 -15.70
N THR A 286 -28.31 12.50 -14.83
CA THR A 286 -29.45 12.49 -13.88
C THR A 286 -29.02 12.98 -12.49
N GLY A 287 -27.74 13.33 -12.29
CA GLY A 287 -27.22 13.87 -11.01
C GLY A 287 -26.57 12.81 -10.10
N LYS A 288 -25.81 11.84 -10.64
CA LYS A 288 -25.07 10.85 -9.80
C LYS A 288 -24.02 11.59 -8.94
N SER A 289 -23.10 12.34 -9.54
CA SER A 289 -22.03 13.07 -8.78
C SER A 289 -22.69 13.94 -7.72
N HIS A 290 -23.68 14.73 -8.16
CA HIS A 290 -24.49 15.64 -7.34
C HIS A 290 -25.02 14.87 -6.12
N PHE A 291 -25.56 13.67 -6.33
CA PHE A 291 -26.12 12.79 -5.28
C PHE A 291 -25.02 12.31 -4.32
N ALA A 292 -23.90 11.87 -4.87
CA ALA A 292 -22.76 11.30 -4.09
C ALA A 292 -22.25 12.37 -3.12
N ILE A 293 -22.02 13.58 -3.61
CA ILE A 293 -21.44 14.74 -2.86
C ILE A 293 -22.53 15.35 -1.96
N GLY A 294 -23.79 15.35 -2.40
CA GLY A 294 -24.93 15.86 -1.63
C GLY A 294 -25.17 15.03 -0.37
N LEU A 295 -24.68 13.80 -0.37
CA LEU A 295 -24.77 12.85 0.77
C LEU A 295 -23.89 13.38 1.92
N ALA A 296 -22.68 13.84 1.61
CA ALA A 296 -21.70 14.42 2.55
C ALA A 296 -22.31 15.65 3.26
N LEU A 297 -22.99 16.53 2.52
CA LEU A 297 -23.64 17.76 3.05
C LEU A 297 -24.88 17.39 3.87
N TYR A 298 -25.53 16.26 3.58
CA TYR A 298 -26.72 15.80 4.35
C TYR A 298 -26.30 15.09 5.64
N TYR A 299 -25.13 14.44 5.64
CA TYR A 299 -24.51 13.85 6.85
C TYR A 299 -23.15 14.48 7.06
N PRO A 300 -23.12 15.78 7.47
CA PRO A 300 -21.89 16.57 7.44
C PRO A 300 -20.71 16.12 8.31
N SER A 301 -20.94 15.29 9.34
CA SER A 301 -19.90 14.76 10.27
C SER A 301 -19.46 13.34 9.83
N ALA A 302 -20.16 12.76 8.85
CA ALA A 302 -19.91 11.37 8.38
C ALA A 302 -18.61 11.34 7.56
N ARG A 303 -17.71 10.42 7.90
CA ARG A 303 -16.49 10.13 7.12
C ARG A 303 -16.95 9.32 5.89
N ILE A 304 -16.58 9.76 4.70
CA ILE A 304 -17.03 9.11 3.43
C ILE A 304 -15.79 8.79 2.60
N VAL A 305 -15.68 7.52 2.22
CA VAL A 305 -14.70 7.06 1.20
C VAL A 305 -15.43 6.99 -0.15
N TYR A 306 -14.88 7.72 -1.12
CA TYR A 306 -15.40 7.80 -2.51
C TYR A 306 -14.47 6.95 -3.37
N THR A 307 -15.03 5.89 -3.96
CA THR A 307 -14.23 4.89 -4.69
C THR A 307 -14.91 4.54 -6.02
N ALA A 308 -14.09 4.21 -7.01
CA ALA A 308 -14.49 3.63 -8.33
C ALA A 308 -13.27 2.89 -8.91
N CYS A 309 -13.46 2.04 -9.92
CA CYS A 309 -12.35 1.26 -10.50
C CYS A 309 -11.37 2.18 -11.23
N SER A 310 -11.83 3.17 -12.01
CA SER A 310 -10.95 4.05 -12.83
C SER A 310 -10.55 5.33 -12.06
N HIS A 311 -9.38 5.87 -12.42
CA HIS A 311 -8.88 7.19 -11.99
C HIS A 311 -9.82 8.31 -12.47
N ALA A 312 -10.40 8.18 -13.68
CA ALA A 312 -11.31 9.21 -14.26
C ALA A 312 -12.60 9.29 -13.44
N ALA A 313 -13.17 8.15 -13.03
CA ALA A 313 -14.41 8.13 -12.22
C ALA A 313 -14.15 8.81 -10.87
N VAL A 314 -12.96 8.58 -10.29
CA VAL A 314 -12.62 9.10 -8.94
C VAL A 314 -12.37 10.61 -9.10
N ASP A 315 -11.73 11.01 -10.21
CA ASP A 315 -11.39 12.43 -10.55
C ASP A 315 -12.66 13.26 -10.80
N ALA A 316 -13.69 12.65 -11.39
CA ALA A 316 -15.02 13.31 -11.56
C ALA A 316 -15.63 13.52 -10.17
N LEU A 317 -15.52 12.54 -9.24
CA LEU A 317 -16.10 12.69 -7.90
C LEU A 317 -15.33 13.78 -7.15
N CYS A 318 -14.03 13.92 -7.45
CA CYS A 318 -13.15 14.97 -6.87
C CYS A 318 -13.63 16.36 -7.34
N GLU A 319 -13.83 16.55 -8.64
CA GLU A 319 -14.28 17.84 -9.23
C GLU A 319 -15.56 18.28 -8.53
N LYS A 320 -16.56 17.39 -8.39
CA LYS A 320 -17.84 17.74 -7.73
C LYS A 320 -17.58 18.08 -6.25
N ALA A 321 -16.70 17.34 -5.56
CA ALA A 321 -16.38 17.61 -4.14
C ALA A 321 -15.72 19.00 -4.01
N LEU A 322 -14.81 19.33 -4.92
CA LEU A 322 -14.08 20.62 -4.93
C LEU A 322 -15.09 21.80 -4.88
N LYS A 323 -16.24 21.65 -5.53
CA LYS A 323 -17.29 22.69 -5.68
C LYS A 323 -18.11 22.82 -4.39
N TYR A 324 -18.30 21.74 -3.62
CA TYR A 324 -19.31 21.69 -2.52
C TYR A 324 -18.73 21.35 -1.15
N LEU A 325 -17.55 20.71 -1.07
CA LEU A 325 -17.00 20.23 0.24
C LEU A 325 -15.71 21.01 0.54
N PRO A 326 -15.41 21.25 1.83
CA PRO A 326 -14.19 21.98 2.21
C PRO A 326 -12.94 21.22 1.74
N ILE A 327 -12.04 21.89 1.03
CA ILE A 327 -10.85 21.28 0.34
C ILE A 327 -9.84 20.72 1.38
N ASP A 328 -9.87 21.18 2.63
CA ASP A 328 -8.91 20.76 3.68
C ASP A 328 -9.27 19.37 4.20
N LYS A 329 -10.55 18.95 4.06
CA LYS A 329 -11.04 17.64 4.56
C LYS A 329 -11.12 16.60 3.42
N CYS A 330 -10.44 16.84 2.29
CA CYS A 330 -10.44 15.96 1.08
C CYS A 330 -9.02 15.49 0.75
N SER A 331 -8.85 14.19 0.51
CA SER A 331 -7.57 13.61 0.06
C SER A 331 -7.79 12.70 -1.16
N ARG A 332 -6.95 12.88 -2.19
CA ARG A 332 -6.85 11.98 -3.35
C ARG A 332 -5.73 10.95 -3.08
N ILE A 333 -6.09 9.67 -2.88
CA ILE A 333 -5.12 8.56 -2.63
C ILE A 333 -4.54 8.13 -3.98
N ILE A 334 -3.23 8.21 -4.15
CA ILE A 334 -2.52 7.95 -5.44
C ILE A 334 -1.47 6.86 -5.21
N PRO A 335 -1.56 5.70 -5.89
CA PRO A 335 -0.60 4.61 -5.70
C PRO A 335 0.76 5.03 -6.27
N ALA A 336 1.84 4.76 -5.51
CA ALA A 336 3.23 5.18 -5.78
C ALA A 336 3.70 4.66 -7.15
N ARG A 337 3.08 3.59 -7.67
CA ARG A 337 3.29 3.09 -9.05
C ARG A 337 2.33 3.84 -9.98
N ALA A 338 2.60 5.13 -10.21
CA ALA A 338 1.74 6.10 -10.94
C ALA A 338 1.64 5.73 -12.42
N ARG A 339 0.41 5.60 -12.94
CA ARG A 339 0.10 5.06 -14.30
C ARG A 339 -0.36 6.20 -15.23
N VAL A 340 -1.34 7.00 -14.81
CA VAL A 340 -1.79 8.22 -15.55
C VAL A 340 -1.93 9.38 -14.56
N GLU A 341 -1.79 10.61 -15.06
CA GLU A 341 -2.04 11.88 -14.31
C GLU A 341 -3.48 11.83 -13.80
N CYS A 342 -3.74 12.32 -12.58
CA CYS A 342 -5.10 12.42 -11.99
C CYS A 342 -5.19 13.65 -11.06
N PHE A 343 -6.33 13.80 -10.39
CA PHE A 343 -6.79 15.04 -9.71
C PHE A 343 -5.70 15.59 -8.78
N ASP A 344 -5.33 16.86 -8.93
CA ASP A 344 -4.10 17.48 -8.33
C ASP A 344 -4.45 18.59 -7.32
N LYS A 345 -5.70 18.74 -6.88
CA LYS A 345 -6.14 19.92 -6.08
C LYS A 345 -6.49 19.54 -4.64
N PHE A 346 -6.39 18.27 -4.25
CA PHE A 346 -6.52 17.84 -2.83
C PHE A 346 -5.12 17.55 -2.27
N LYS A 347 -4.98 17.44 -0.94
CA LYS A 347 -3.80 16.83 -0.28
C LYS A 347 -3.73 15.36 -0.74
N VAL A 348 -2.55 14.91 -1.18
CA VAL A 348 -2.30 13.54 -1.73
C VAL A 348 -1.88 12.58 -0.61
N ASN A 349 -2.60 11.45 -0.47
CA ASN A 349 -2.22 10.24 0.31
C ASN A 349 -2.43 10.49 1.81
N SER A 350 -3.32 11.40 2.17
CA SER A 350 -3.80 11.59 3.57
C SER A 350 -5.04 10.71 3.80
N THR A 351 -4.80 9.48 4.24
CA THR A 351 -5.80 8.40 4.46
C THR A 351 -6.83 8.80 5.53
N LEU A 352 -6.51 9.78 6.38
CA LEU A 352 -7.28 10.07 7.62
C LEU A 352 -8.22 11.26 7.43
N GLU A 353 -8.21 11.90 6.26
CA GLU A 353 -9.11 13.04 5.93
C GLU A 353 -10.56 12.53 5.95
N GLN A 354 -11.53 13.40 6.29
CA GLN A 354 -12.98 13.03 6.34
C GLN A 354 -13.47 12.51 4.96
N TYR A 355 -12.87 13.04 3.88
CA TYR A 355 -13.25 12.74 2.47
C TYR A 355 -12.03 12.15 1.77
N VAL A 356 -12.14 10.87 1.40
CA VAL A 356 -11.05 10.09 0.73
C VAL A 356 -11.52 9.64 -0.67
N PHE A 357 -10.74 10.00 -1.69
CA PHE A 357 -11.03 9.75 -3.13
C PHE A 357 -9.95 8.80 -3.65
N CYS A 358 -10.31 7.54 -3.87
CA CYS A 358 -9.34 6.45 -4.17
C CYS A 358 -9.92 5.39 -5.10
N THR A 359 -9.18 5.05 -6.16
CA THR A 359 -9.48 3.86 -7.01
C THR A 359 -9.50 2.62 -6.11
N VAL A 360 -10.38 1.66 -6.41
CA VAL A 360 -10.52 0.36 -5.70
C VAL A 360 -9.14 -0.27 -5.46
N ASN A 361 -8.31 -0.39 -6.50
CA ASN A 361 -7.04 -1.15 -6.50
C ASN A 361 -5.97 -0.47 -5.63
N ALA A 362 -6.23 0.73 -5.12
CA ALA A 362 -5.27 1.51 -4.29
C ALA A 362 -5.84 1.75 -2.87
N LEU A 363 -7.07 1.28 -2.60
CA LEU A 363 -7.76 1.55 -1.32
C LEU A 363 -6.86 1.11 -0.18
N PRO A 364 -6.74 1.91 0.89
CA PRO A 364 -6.06 1.47 2.11
C PRO A 364 -7.03 0.65 2.97
N GLU A 365 -6.51 0.04 4.03
CA GLU A 365 -7.32 -0.71 5.02
C GLU A 365 -7.81 0.28 6.07
N THR A 366 -9.09 0.64 6.00
CA THR A 366 -9.69 1.69 6.88
C THR A 366 -11.18 1.42 7.08
N THR A 367 -11.84 2.35 7.76
CA THR A 367 -13.28 2.30 8.11
C THR A 367 -13.93 3.62 7.67
N ALA A 368 -15.26 3.67 7.71
CA ALA A 368 -16.03 4.81 7.19
C ALA A 368 -17.46 4.69 7.69
N ASP A 369 -18.16 5.81 7.77
CA ASP A 369 -19.61 5.87 8.05
C ASP A 369 -20.35 5.51 6.77
N ILE A 370 -19.92 6.08 5.64
CA ILE A 370 -20.47 5.80 4.29
C ILE A 370 -19.30 5.52 3.34
N VAL A 371 -19.43 4.44 2.58
CA VAL A 371 -18.62 4.18 1.36
C VAL A 371 -19.54 4.43 0.16
N VAL A 372 -19.07 5.27 -0.76
CA VAL A 372 -19.77 5.53 -2.05
C VAL A 372 -18.92 4.88 -3.13
N PHE A 373 -19.46 3.81 -3.73
CA PHE A 373 -18.85 3.08 -4.87
C PHE A 373 -19.57 3.53 -6.15
N ASP A 374 -18.86 4.27 -7.00
CA ASP A 374 -19.43 4.91 -8.21
C ASP A 374 -19.05 4.12 -9.46
N GLU A 375 -19.73 4.41 -10.59
CA GLU A 375 -19.54 3.77 -11.93
C GLU A 375 -19.66 2.24 -11.77
N ILE A 376 -20.74 1.77 -11.14
CA ILE A 376 -20.82 0.39 -10.59
C ILE A 376 -20.91 -0.60 -11.75
N SER A 377 -21.37 -0.16 -12.93
CA SER A 377 -21.44 -1.05 -14.11
C SER A 377 -20.01 -1.49 -14.50
N MET A 378 -18.99 -0.68 -14.30
CA MET A 378 -17.57 -1.02 -14.62
C MET A 378 -16.92 -1.94 -13.55
N ALA A 379 -17.59 -2.23 -12.44
CA ALA A 379 -17.01 -3.05 -11.36
C ALA A 379 -17.19 -4.53 -11.73
N THR A 380 -16.18 -5.33 -11.43
CA THR A 380 -16.24 -6.82 -11.40
C THR A 380 -16.57 -7.26 -9.96
N ASN A 381 -17.04 -8.50 -9.79
CA ASN A 381 -17.22 -9.14 -8.46
C ASN A 381 -15.90 -9.14 -7.67
N TYR A 382 -14.75 -9.23 -8.33
CA TYR A 382 -13.42 -9.10 -7.67
C TYR A 382 -13.32 -7.72 -6.99
N ASP A 383 -13.67 -6.65 -7.74
CA ASP A 383 -13.68 -5.26 -7.23
C ASP A 383 -14.64 -5.14 -6.04
N LEU A 384 -15.87 -5.66 -6.14
CA LEU A 384 -16.90 -5.62 -5.09
C LEU A 384 -16.37 -6.26 -3.79
N SER A 385 -15.69 -7.41 -3.92
CA SER A 385 -15.07 -8.14 -2.77
C SER A 385 -13.94 -7.30 -2.15
N VAL A 386 -13.00 -6.80 -2.96
CA VAL A 386 -11.81 -6.06 -2.46
C VAL A 386 -12.29 -4.85 -1.63
N VAL A 387 -13.37 -4.20 -2.05
CA VAL A 387 -13.90 -2.99 -1.36
C VAL A 387 -14.34 -3.43 0.04
N ASN A 388 -15.22 -4.44 0.13
CA ASN A 388 -15.75 -4.97 1.42
C ASN A 388 -14.58 -5.43 2.31
N ALA A 389 -13.46 -5.87 1.72
CA ALA A 389 -12.26 -6.37 2.42
C ALA A 389 -11.43 -5.22 3.00
N ARG A 390 -11.34 -4.09 2.31
CA ARG A 390 -10.43 -2.96 2.70
C ARG A 390 -11.19 -1.89 3.52
N LEU A 391 -12.52 -1.81 3.37
CA LEU A 391 -13.37 -0.74 3.97
C LEU A 391 -14.48 -1.38 4.81
N ARG A 392 -14.39 -1.21 6.14
CA ARG A 392 -15.48 -1.56 7.09
C ARG A 392 -16.28 -0.29 7.36
N ALA A 393 -17.57 -0.26 6.98
CA ALA A 393 -18.41 0.96 6.96
C ALA A 393 -19.81 0.66 7.50
N LYS A 394 -20.50 1.70 7.98
CA LYS A 394 -21.89 1.61 8.48
C LYS A 394 -22.85 1.50 7.30
N HIS A 395 -22.53 2.20 6.19
CA HIS A 395 -23.38 2.21 4.97
C HIS A 395 -22.54 2.15 3.69
N TYR A 396 -22.95 1.29 2.76
CA TYR A 396 -22.38 1.15 1.40
C TYR A 396 -23.40 1.68 0.40
N VAL A 397 -22.99 2.65 -0.43
CA VAL A 397 -23.86 3.17 -1.53
C VAL A 397 -23.21 2.83 -2.87
N TYR A 398 -24.00 2.13 -3.69
CA TYR A 398 -23.56 1.64 -5.02
C TYR A 398 -24.27 2.51 -6.03
N ILE A 399 -23.48 3.34 -6.71
CA ILE A 399 -23.98 4.24 -7.79
C ILE A 399 -23.44 3.79 -9.16
N GLY A 400 -24.34 3.66 -10.12
CA GLY A 400 -24.01 3.64 -11.56
C GLY A 400 -25.24 3.35 -12.36
N ASP A 401 -25.11 2.55 -13.42
CA ASP A 401 -26.21 2.34 -14.40
C ASP A 401 -25.94 1.04 -15.15
N PRO A 402 -26.78 0.01 -15.00
CA PRO A 402 -26.60 -1.24 -15.72
C PRO A 402 -26.93 -1.10 -17.22
N ALA A 403 -27.43 0.05 -17.66
CA ALA A 403 -27.66 0.35 -19.09
C ALA A 403 -26.40 0.99 -19.69
N GLN A 404 -25.36 1.19 -18.88
CA GLN A 404 -24.04 1.66 -19.37
C GLN A 404 -23.05 0.49 -19.42
N LEU A 405 -21.78 0.80 -19.66
CA LEU A 405 -20.78 -0.20 -20.11
C LEU A 405 -20.16 -0.94 -18.93
N PRO A 406 -19.95 -2.27 -19.10
CA PRO A 406 -19.26 -3.09 -18.11
C PRO A 406 -17.74 -3.07 -18.34
N ALA A 407 -16.97 -3.60 -17.39
CA ALA A 407 -15.52 -3.77 -17.57
C ALA A 407 -15.32 -4.75 -18.73
N PRO A 408 -14.30 -4.54 -19.58
CA PRO A 408 -13.98 -5.49 -20.63
C PRO A 408 -13.57 -6.84 -20.01
N ARG A 409 -14.16 -7.93 -20.49
CA ARG A 409 -13.76 -9.33 -20.21
C ARG A 409 -12.83 -9.80 -21.33
N THR A 410 -11.51 -9.69 -21.14
CA THR A 410 -10.52 -9.96 -22.20
C THR A 410 -10.71 -11.39 -22.75
N LEU A 411 -11.12 -12.37 -21.93
CA LEU A 411 -11.20 -13.80 -22.35
C LEU A 411 -12.54 -14.13 -23.02
N LEU A 412 -13.61 -13.37 -22.69
CA LEU A 412 -14.97 -13.58 -23.24
C LEU A 412 -14.99 -13.26 -24.74
N THR A 413 -15.13 -14.28 -25.60
CA THR A 413 -15.26 -14.15 -27.06
C THR A 413 -16.58 -14.73 -27.54
N LYS A 414 -17.28 -15.53 -26.75
CA LYS A 414 -18.54 -16.19 -27.23
C LYS A 414 -19.74 -15.78 -26.38
N GLY A 415 -20.78 -15.27 -27.02
CA GLY A 415 -22.03 -14.84 -26.37
C GLY A 415 -21.87 -13.44 -25.84
N THR A 416 -22.97 -12.77 -25.51
CA THR A 416 -22.93 -11.38 -24.96
C THR A 416 -23.32 -11.45 -23.48
N LEU A 417 -22.55 -10.72 -22.67
CA LEU A 417 -22.81 -10.52 -21.22
C LEU A 417 -23.90 -9.45 -21.01
N GLU A 418 -25.08 -9.87 -20.60
CA GLU A 418 -26.23 -9.00 -20.27
C GLU A 418 -25.94 -8.23 -18.97
N PRO A 419 -26.50 -7.01 -18.83
CA PRO A 419 -26.33 -6.18 -17.62
C PRO A 419 -26.56 -6.89 -16.27
N GLU A 420 -27.56 -7.76 -16.20
CA GLU A 420 -27.89 -8.50 -14.95
C GLU A 420 -26.74 -9.43 -14.51
N TYR A 421 -25.71 -9.60 -15.32
CA TYR A 421 -24.54 -10.48 -15.01
C TYR A 421 -23.25 -9.69 -14.88
N PHE A 422 -23.29 -8.35 -14.98
CA PHE A 422 -22.08 -7.48 -14.87
C PHE A 422 -21.39 -7.73 -13.53
N ASN A 423 -22.18 -7.77 -12.45
CA ASN A 423 -21.70 -7.97 -11.06
C ASN A 423 -22.92 -8.11 -10.18
N SER A 424 -22.74 -8.31 -8.86
CA SER A 424 -23.86 -8.55 -7.90
C SER A 424 -24.78 -7.32 -7.80
N VAL A 425 -24.22 -6.10 -7.82
CA VAL A 425 -25.05 -4.87 -7.72
C VAL A 425 -25.95 -4.77 -8.97
N CYS A 426 -25.37 -4.87 -10.18
CA CYS A 426 -26.18 -4.74 -11.41
C CYS A 426 -27.22 -5.84 -11.40
N ARG A 427 -26.87 -7.04 -10.94
CA ARG A 427 -27.84 -8.16 -10.88
C ARG A 427 -29.01 -7.72 -9.99
N LEU A 428 -28.72 -7.17 -8.81
CA LEU A 428 -29.80 -6.70 -7.90
C LEU A 428 -30.62 -5.65 -8.66
N MET A 429 -29.95 -4.67 -9.28
CA MET A 429 -30.66 -3.57 -9.99
C MET A 429 -31.53 -4.15 -11.12
N LYS A 430 -31.09 -5.23 -11.79
CA LYS A 430 -31.81 -5.73 -12.99
C LYS A 430 -32.93 -6.70 -12.58
N THR A 431 -32.86 -7.28 -11.39
CA THR A 431 -33.86 -8.28 -10.92
C THR A 431 -34.92 -7.59 -10.06
N ILE A 432 -34.56 -7.16 -8.85
CA ILE A 432 -35.49 -6.57 -7.83
C ILE A 432 -35.64 -5.05 -8.05
N GLY A 433 -34.93 -4.48 -9.02
CA GLY A 433 -34.88 -3.01 -9.21
C GLY A 433 -33.83 -2.37 -8.31
N PRO A 434 -33.43 -1.10 -8.61
CA PRO A 434 -32.51 -0.37 -7.74
C PRO A 434 -33.34 0.22 -6.57
N ASP A 435 -32.66 0.57 -5.47
CA ASP A 435 -33.32 1.17 -4.28
C ASP A 435 -33.79 2.57 -4.63
N MET A 436 -33.01 3.25 -5.47
CA MET A 436 -33.22 4.67 -5.85
C MET A 436 -32.90 4.82 -7.34
N PHE A 437 -33.76 5.53 -8.08
CA PHE A 437 -33.64 5.82 -9.52
C PHE A 437 -33.70 7.34 -9.75
N LEU A 438 -32.60 7.94 -10.25
CA LEU A 438 -32.63 9.35 -10.77
C LEU A 438 -33.30 9.36 -12.14
N GLY A 439 -34.50 9.93 -12.25
CA GLY A 439 -35.40 9.73 -13.38
C GLY A 439 -35.46 10.91 -14.34
N THR A 440 -34.63 11.94 -14.18
CA THR A 440 -34.70 13.14 -15.04
C THR A 440 -33.30 13.46 -15.55
N CYS A 441 -33.10 13.31 -16.86
CA CYS A 441 -31.83 13.65 -17.54
C CYS A 441 -31.82 15.17 -17.78
N ARG A 442 -30.80 15.87 -17.26
CA ARG A 442 -30.68 17.34 -17.35
C ARG A 442 -29.62 17.71 -18.39
N ARG A 443 -28.90 16.74 -18.96
CA ARG A 443 -27.74 17.01 -19.86
C ARG A 443 -28.21 17.12 -21.32
N CYS A 444 -29.08 16.21 -21.76
CA CYS A 444 -29.21 15.82 -23.18
C CYS A 444 -30.45 16.45 -23.78
N PRO A 445 -30.36 16.88 -25.06
CA PRO A 445 -31.54 17.33 -25.80
C PRO A 445 -32.60 16.25 -25.69
N ALA A 446 -33.88 16.64 -25.72
CA ALA A 446 -34.99 15.69 -25.53
C ALA A 446 -34.92 14.52 -26.51
N GLU A 447 -34.44 14.75 -27.74
CA GLU A 447 -34.45 13.72 -28.83
C GLU A 447 -33.63 12.52 -28.36
N ILE A 448 -32.52 12.77 -27.67
CA ILE A 448 -31.61 11.75 -27.12
C ILE A 448 -32.28 11.09 -25.90
N VAL A 449 -32.82 11.90 -24.98
CA VAL A 449 -33.49 11.40 -23.76
C VAL A 449 -34.62 10.44 -24.17
N ASP A 450 -35.48 10.86 -25.11
CA ASP A 450 -36.64 10.04 -25.56
C ASP A 450 -36.13 8.72 -26.17
N THR A 451 -35.07 8.75 -26.99
CA THR A 451 -34.49 7.54 -27.65
C THR A 451 -34.03 6.51 -26.60
N VAL A 452 -33.13 6.91 -25.71
CA VAL A 452 -32.52 5.98 -24.70
C VAL A 452 -33.60 5.57 -23.70
N SER A 453 -34.45 6.49 -23.23
CA SER A 453 -35.58 6.18 -22.32
C SER A 453 -36.35 4.98 -22.85
N ALA A 454 -36.72 4.97 -24.14
CA ALA A 454 -37.43 3.84 -24.77
C ALA A 454 -36.47 2.64 -24.94
N LEU A 455 -35.21 2.88 -25.30
CA LEU A 455 -34.25 1.79 -25.64
C LEU A 455 -33.90 0.96 -24.40
N VAL A 456 -33.54 1.59 -23.28
CA VAL A 456 -32.89 0.84 -22.16
C VAL A 456 -33.52 1.18 -20.80
N TYR A 457 -34.43 2.15 -20.71
CA TYR A 457 -34.96 2.60 -19.40
C TYR A 457 -36.47 2.37 -19.25
N ASP A 458 -37.05 1.47 -20.05
CA ASP A 458 -38.49 1.14 -20.03
C ASP A 458 -39.28 2.45 -19.85
N ASN A 459 -38.93 3.49 -20.62
CA ASN A 459 -39.72 4.75 -20.72
C ASN A 459 -39.78 5.51 -19.39
N LYS A 460 -38.86 5.26 -18.45
CA LYS A 460 -38.85 5.86 -17.08
C LYS A 460 -37.86 7.04 -17.00
N LEU A 461 -37.11 7.32 -18.07
CA LEU A 461 -36.21 8.51 -18.06
C LEU A 461 -36.94 9.67 -18.74
N LYS A 462 -36.94 10.82 -18.08
CA LYS A 462 -37.64 12.04 -18.55
C LYS A 462 -36.58 13.10 -18.91
N ALA A 463 -36.91 13.92 -19.90
CA ALA A 463 -36.08 15.02 -20.43
C ALA A 463 -36.37 16.29 -19.64
N HIS A 464 -35.35 16.91 -19.08
CA HIS A 464 -35.38 18.29 -18.55
C HIS A 464 -35.32 19.29 -19.71
N LYS A 465 -34.37 19.11 -20.64
CA LYS A 465 -34.16 20.03 -21.77
C LYS A 465 -35.27 19.81 -22.80
N ASP A 466 -35.52 20.85 -23.61
CA ASP A 466 -36.36 20.77 -24.83
C ASP A 466 -35.55 19.99 -25.87
N LYS A 467 -36.20 19.47 -26.91
CA LYS A 467 -35.52 19.09 -28.19
C LYS A 467 -34.60 20.23 -28.64
N SER A 468 -33.39 19.93 -29.07
CA SER A 468 -32.39 20.95 -29.47
C SER A 468 -32.56 21.31 -30.96
N ALA A 469 -33.26 20.47 -31.72
CA ALA A 469 -33.30 20.49 -33.20
C ALA A 469 -31.87 20.52 -33.76
N GLN A 470 -30.89 19.99 -33.02
CA GLN A 470 -29.49 19.79 -33.50
C GLN A 470 -29.08 18.30 -33.35
N CYS A 471 -30.04 17.37 -33.39
CA CYS A 471 -29.81 15.92 -33.31
C CYS A 471 -30.17 15.28 -34.64
N PHE A 472 -29.17 14.79 -35.36
CA PHE A 472 -29.28 14.32 -36.77
C PHE A 472 -28.84 12.87 -36.90
N LYS A 473 -29.51 12.14 -37.77
CA LYS A 473 -29.13 10.75 -38.07
C LYS A 473 -28.98 10.66 -39.57
N MET A 474 -28.06 9.81 -40.01
CA MET A 474 -27.93 9.47 -41.45
C MET A 474 -27.63 7.98 -41.53
N PHE A 475 -28.39 7.28 -42.36
CA PHE A 475 -28.16 5.86 -42.66
C PHE A 475 -27.16 5.77 -43.82
N TYR A 476 -25.94 5.33 -43.53
CA TYR A 476 -24.85 5.27 -44.53
C TYR A 476 -23.83 4.18 -44.16
N LYS A 477 -23.99 3.00 -44.75
CA LYS A 477 -23.19 1.78 -44.47
C LYS A 477 -21.74 2.02 -44.86
N GLY A 478 -21.48 2.74 -45.96
CA GLY A 478 -20.11 3.11 -46.35
C GLY A 478 -19.34 1.86 -46.73
N VAL A 479 -18.07 1.76 -46.32
CA VAL A 479 -17.17 0.63 -46.69
C VAL A 479 -16.34 0.35 -45.47
N ILE A 480 -16.24 -0.91 -45.09
CA ILE A 480 -15.56 -1.28 -43.82
C ILE A 480 -14.24 -1.93 -44.17
N THR A 481 -13.16 -1.28 -43.75
CA THR A 481 -11.78 -1.80 -43.81
C THR A 481 -11.42 -2.13 -42.38
N HIS A 482 -10.39 -2.94 -42.20
CA HIS A 482 -9.94 -3.37 -40.85
C HIS A 482 -8.44 -3.20 -40.76
N ASP A 483 -8.00 -2.60 -39.66
CA ASP A 483 -6.61 -2.62 -39.17
C ASP A 483 -6.54 -3.81 -38.21
N VAL A 484 -6.15 -4.97 -38.73
CA VAL A 484 -6.30 -6.28 -38.06
C VAL A 484 -7.81 -6.54 -37.90
N SER A 485 -8.35 -6.32 -36.70
CA SER A 485 -9.77 -6.55 -36.33
C SER A 485 -10.50 -5.22 -36.06
N SER A 486 -9.77 -4.16 -35.68
CA SER A 486 -10.35 -2.81 -35.42
C SER A 486 -10.88 -2.26 -36.76
N ALA A 487 -12.13 -1.82 -36.77
CA ALA A 487 -12.86 -1.43 -37.99
C ALA A 487 -12.61 0.04 -38.33
N ILE A 488 -12.59 0.34 -39.62
CA ILE A 488 -12.45 1.72 -40.18
C ILE A 488 -13.57 1.88 -41.21
N ASN A 489 -14.20 3.06 -41.30
CA ASN A 489 -15.21 3.36 -42.33
C ASN A 489 -14.93 4.74 -42.92
N ARG A 490 -14.07 4.80 -43.96
CA ARG A 490 -13.60 6.08 -44.50
C ARG A 490 -14.80 6.82 -45.10
N PRO A 491 -15.68 6.20 -45.89
CA PRO A 491 -16.83 6.93 -46.39
C PRO A 491 -17.67 7.58 -45.27
N GLN A 492 -17.79 6.94 -44.10
CA GLN A 492 -18.58 7.51 -42.98
C GLN A 492 -17.85 8.78 -42.53
N ILE A 493 -16.52 8.75 -42.52
CA ILE A 493 -15.73 9.96 -42.15
C ILE A 493 -15.91 11.04 -43.23
N GLY A 494 -15.99 10.62 -44.49
CA GLY A 494 -16.18 11.47 -45.67
C GLY A 494 -17.51 12.20 -45.56
N VAL A 495 -18.56 11.48 -45.20
CA VAL A 495 -19.90 12.10 -44.94
C VAL A 495 -19.80 13.17 -43.83
N VAL A 496 -19.08 12.89 -42.75
CA VAL A 496 -18.88 13.85 -41.64
C VAL A 496 -18.15 15.07 -42.20
N ARG A 497 -17.07 14.86 -42.96
CA ARG A 497 -16.26 15.98 -43.52
C ARG A 497 -17.21 16.88 -44.33
N GLU A 498 -18.10 16.31 -45.15
CA GLU A 498 -19.05 17.11 -45.95
C GLU A 498 -19.98 17.91 -45.00
N PHE A 499 -20.49 17.26 -43.96
CA PHE A 499 -21.45 17.85 -42.99
C PHE A 499 -20.79 19.03 -42.29
N LEU A 500 -19.51 18.89 -41.93
CA LEU A 500 -18.78 19.94 -41.20
C LEU A 500 -18.69 21.23 -42.05
N THR A 501 -18.56 21.13 -43.37
CA THR A 501 -18.34 22.33 -44.24
C THR A 501 -19.60 23.23 -44.19
N ARG A 502 -20.77 22.62 -43.94
CA ARG A 502 -22.13 23.25 -43.94
C ARG A 502 -22.65 23.46 -42.51
N ASN A 503 -21.88 23.11 -41.50
CA ASN A 503 -22.35 23.11 -40.08
C ASN A 503 -21.23 23.57 -39.17
N PRO A 504 -20.70 24.82 -39.33
CA PRO A 504 -19.48 25.26 -38.65
C PRO A 504 -19.60 25.25 -37.12
N ALA A 505 -20.81 25.28 -36.59
CA ALA A 505 -21.07 25.18 -35.12
C ALA A 505 -20.47 23.88 -34.58
N TRP A 506 -20.29 22.88 -35.45
CA TRP A 506 -19.89 21.50 -35.05
C TRP A 506 -18.39 21.32 -35.10
N ARG A 507 -17.66 22.39 -35.43
CA ARG A 507 -16.18 22.40 -35.63
C ARG A 507 -15.50 21.96 -34.33
N LYS A 508 -16.19 22.20 -33.23
CA LYS A 508 -15.77 21.94 -31.84
C LYS A 508 -16.22 20.52 -31.41
N ALA A 509 -16.90 19.76 -32.26
CA ALA A 509 -17.53 18.46 -31.87
C ALA A 509 -16.43 17.46 -31.52
N VAL A 510 -16.71 16.61 -30.55
CA VAL A 510 -15.91 15.39 -30.27
C VAL A 510 -16.42 14.31 -31.22
N PHE A 511 -15.51 13.68 -31.94
CA PHE A 511 -15.76 12.50 -32.82
C PHE A 511 -15.77 11.26 -31.94
N ILE A 512 -16.83 10.44 -32.03
CA ILE A 512 -16.94 9.20 -31.21
C ILE A 512 -17.28 8.04 -32.14
N SER A 513 -16.63 6.90 -31.92
CA SER A 513 -16.91 5.67 -32.67
C SER A 513 -16.63 4.50 -31.75
N PRO A 514 -17.13 3.31 -32.10
CA PRO A 514 -16.83 2.15 -31.27
C PRO A 514 -15.40 1.57 -31.50
N TYR A 515 -14.54 2.21 -32.30
CA TYR A 515 -13.24 1.63 -32.76
C TYR A 515 -12.12 2.68 -32.76
N ASN A 516 -11.00 2.32 -32.13
CA ASN A 516 -9.74 3.10 -32.08
C ASN A 516 -9.28 3.46 -33.49
N SER A 517 -9.32 2.52 -34.43
CA SER A 517 -8.71 2.71 -35.76
C SER A 517 -9.57 3.68 -36.58
N GLN A 518 -10.89 3.61 -36.44
CA GLN A 518 -11.82 4.62 -37.00
C GLN A 518 -11.44 5.99 -36.45
N ASN A 519 -11.20 6.08 -35.14
CA ASN A 519 -10.87 7.34 -34.41
C ASN A 519 -9.54 7.89 -34.94
N ALA A 520 -8.54 7.04 -35.13
CA ALA A 520 -7.20 7.42 -35.66
C ALA A 520 -7.37 8.08 -37.03
N VAL A 521 -8.23 7.53 -37.87
CA VAL A 521 -8.45 8.06 -39.25
C VAL A 521 -9.24 9.38 -39.16
N ALA A 522 -10.30 9.42 -38.37
CA ALA A 522 -11.12 10.64 -38.12
C ALA A 522 -10.22 11.76 -37.58
N SER A 523 -9.29 11.43 -36.71
CA SER A 523 -8.32 12.40 -36.14
C SER A 523 -7.54 13.10 -37.26
N LYS A 524 -6.95 12.35 -38.20
CA LYS A 524 -6.15 12.92 -39.31
C LYS A 524 -7.03 13.67 -40.33
N ILE A 525 -8.16 13.12 -40.75
CA ILE A 525 -8.98 13.73 -41.83
C ILE A 525 -9.78 14.93 -41.29
N LEU A 526 -10.38 14.82 -40.09
CA LEU A 526 -11.31 15.83 -39.51
C LEU A 526 -10.59 16.81 -38.57
N GLY A 527 -9.56 16.36 -37.85
CA GLY A 527 -8.85 17.17 -36.84
C GLY A 527 -9.67 17.36 -35.57
N LEU A 528 -10.85 16.73 -35.46
CA LEU A 528 -11.67 16.74 -34.22
C LEU A 528 -10.96 15.92 -33.16
N PRO A 529 -11.18 16.23 -31.87
CA PRO A 529 -10.78 15.34 -30.79
C PRO A 529 -11.68 14.11 -30.89
N THR A 530 -11.15 13.02 -30.36
CA THR A 530 -11.56 11.63 -30.67
C THR A 530 -11.73 10.88 -29.33
N GLN A 531 -12.80 10.08 -29.23
CA GLN A 531 -13.08 9.19 -28.09
C GLN A 531 -13.69 7.91 -28.62
N THR A 532 -13.29 6.77 -28.09
CA THR A 532 -14.10 5.54 -28.20
C THR A 532 -15.34 5.76 -27.34
N VAL A 533 -16.41 5.02 -27.63
CA VAL A 533 -17.61 5.07 -26.76
C VAL A 533 -17.16 4.77 -25.34
N ASP A 534 -16.39 3.71 -25.15
CA ASP A 534 -15.98 3.16 -23.84
C ASP A 534 -15.21 4.24 -23.06
N SER A 535 -14.28 4.96 -23.69
CA SER A 535 -13.51 6.04 -23.02
C SER A 535 -14.37 7.32 -22.82
N SER A 536 -15.48 7.49 -23.56
CA SER A 536 -16.36 8.67 -23.44
C SER A 536 -17.26 8.54 -22.20
N GLN A 537 -17.42 7.35 -21.65
CA GLN A 537 -18.39 7.11 -20.55
C GLN A 537 -18.02 8.03 -19.39
N GLY A 538 -19.00 8.77 -18.84
CA GLY A 538 -18.82 9.72 -17.72
C GLY A 538 -18.57 11.17 -18.16
N SER A 539 -18.27 11.38 -19.45
CA SER A 539 -17.90 12.69 -20.02
C SER A 539 -19.11 13.23 -20.78
N GLU A 540 -19.13 14.55 -20.98
CA GLU A 540 -20.16 15.25 -21.78
C GLU A 540 -19.48 16.32 -22.63
N TYR A 541 -20.06 16.56 -23.80
CA TYR A 541 -19.55 17.52 -24.80
C TYR A 541 -20.78 18.18 -25.41
N ASP A 542 -20.62 19.42 -25.85
CA ASP A 542 -21.70 20.19 -26.51
C ASP A 542 -22.16 19.41 -27.74
N TYR A 543 -21.23 19.08 -28.61
CA TYR A 543 -21.53 18.42 -29.90
C TYR A 543 -20.76 17.10 -29.99
N VAL A 544 -21.46 16.08 -30.46
CA VAL A 544 -20.90 14.74 -30.66
C VAL A 544 -21.13 14.37 -32.12
N ILE A 545 -20.11 13.87 -32.79
CA ILE A 545 -20.31 13.16 -34.08
C ILE A 545 -19.97 11.69 -33.82
N PHE A 546 -20.93 10.81 -34.10
CA PHE A 546 -20.81 9.35 -33.91
C PHE A 546 -20.90 8.64 -35.26
N THR A 547 -19.88 7.89 -35.62
CA THR A 547 -19.93 6.95 -36.78
C THR A 547 -20.00 5.55 -36.21
N GLN A 548 -21.08 4.85 -36.51
CA GLN A 548 -21.26 3.47 -36.02
C GLN A 548 -20.15 2.56 -36.55
N THR A 549 -19.56 2.88 -37.71
CA THR A 549 -18.39 2.23 -38.36
C THR A 549 -18.77 0.88 -38.98
N THR A 550 -19.39 -0.02 -38.21
CA THR A 550 -19.79 -1.38 -38.63
C THR A 550 -21.16 -1.73 -38.05
N GLU A 551 -21.79 -2.79 -38.53
CA GLU A 551 -22.95 -3.41 -37.83
C GLU A 551 -22.49 -4.75 -37.26
N THR A 552 -21.70 -4.71 -36.19
CA THR A 552 -21.29 -5.88 -35.35
C THR A 552 -22.03 -5.88 -34.01
N ALA A 553 -21.94 -6.96 -33.26
CA ALA A 553 -22.51 -7.03 -31.89
C ALA A 553 -21.91 -5.90 -31.05
N HIS A 554 -20.63 -5.64 -31.20
CA HIS A 554 -19.88 -4.54 -30.52
C HIS A 554 -20.49 -3.17 -30.85
N SER A 555 -20.75 -2.87 -32.12
CA SER A 555 -21.19 -1.52 -32.53
C SER A 555 -22.71 -1.36 -32.37
N CYS A 556 -23.44 -2.45 -32.14
CA CYS A 556 -24.92 -2.47 -32.02
C CYS A 556 -25.35 -2.73 -30.58
N ASN A 557 -24.41 -2.98 -29.68
CA ASN A 557 -24.72 -3.20 -28.25
C ASN A 557 -25.51 -1.98 -27.73
N VAL A 558 -26.71 -2.19 -27.19
CA VAL A 558 -27.63 -1.11 -26.74
C VAL A 558 -27.01 -0.30 -25.61
N ASN A 559 -26.21 -0.88 -24.75
CA ASN A 559 -25.51 -0.13 -23.67
C ASN A 559 -24.49 0.80 -24.33
N ARG A 560 -23.68 0.29 -25.25
CA ARG A 560 -22.65 1.12 -25.92
C ARG A 560 -23.36 2.25 -26.67
N PHE A 561 -24.42 1.95 -27.40
CA PHE A 561 -25.19 2.95 -28.17
C PHE A 561 -25.73 4.04 -27.22
N ASN A 562 -26.33 3.63 -26.10
CA ASN A 562 -26.88 4.48 -25.02
C ASN A 562 -25.79 5.44 -24.57
N VAL A 563 -24.64 4.92 -24.18
CA VAL A 563 -23.51 5.78 -23.75
C VAL A 563 -23.13 6.73 -24.90
N ALA A 564 -23.00 6.23 -26.13
CA ALA A 564 -22.51 7.05 -27.27
C ALA A 564 -23.35 8.33 -27.40
N ILE A 565 -24.68 8.22 -27.42
CA ILE A 565 -25.54 9.36 -27.83
C ILE A 565 -25.87 10.25 -26.64
N THR A 566 -25.66 9.77 -25.39
CA THR A 566 -25.93 10.51 -24.15
C THR A 566 -24.69 11.29 -23.73
N ARG A 567 -23.63 11.36 -24.54
CA ARG A 567 -22.50 12.27 -24.23
C ARG A 567 -22.86 13.74 -24.59
N ALA A 568 -23.87 13.97 -25.44
CA ALA A 568 -24.10 15.27 -26.10
C ALA A 568 -25.01 16.17 -25.24
N LYS A 569 -24.62 17.42 -25.07
CA LYS A 569 -25.40 18.44 -24.32
C LYS A 569 -26.28 19.27 -25.26
N VAL A 570 -25.90 19.44 -26.53
CA VAL A 570 -26.57 20.36 -27.49
C VAL A 570 -26.96 19.61 -28.76
N GLY A 571 -25.98 19.00 -29.42
CA GLY A 571 -26.22 18.33 -30.71
C GLY A 571 -25.47 17.02 -30.87
N ILE A 572 -26.03 16.13 -31.65
CA ILE A 572 -25.36 14.87 -32.05
C ILE A 572 -25.68 14.57 -33.50
N LEU A 573 -24.67 14.14 -34.26
CA LEU A 573 -24.82 13.56 -35.63
C LEU A 573 -24.46 12.09 -35.52
N CYS A 574 -25.37 11.20 -35.89
CA CYS A 574 -25.14 9.75 -35.92
C CYS A 574 -25.17 9.30 -37.36
N ILE A 575 -24.02 8.85 -37.84
CA ILE A 575 -23.90 8.11 -39.12
C ILE A 575 -23.99 6.64 -38.75
N MET A 576 -25.08 5.99 -39.16
CA MET A 576 -25.52 4.65 -38.69
C MET A 576 -25.29 3.61 -39.79
N SER A 577 -24.93 2.42 -39.35
CA SER A 577 -24.79 1.19 -40.18
C SER A 577 -25.96 0.23 -39.95
N ASP A 578 -26.63 0.34 -38.81
CA ASP A 578 -27.67 -0.63 -38.37
C ASP A 578 -29.05 0.02 -38.51
N ARG A 579 -29.95 -0.63 -39.25
CA ARG A 579 -31.29 -0.10 -39.61
C ARG A 579 -32.11 0.08 -38.33
N ASP A 580 -32.09 -0.94 -37.48
CA ASP A 580 -32.82 -1.03 -36.20
C ASP A 580 -32.50 0.19 -35.32
N LEU A 581 -31.22 0.42 -35.01
CA LEU A 581 -30.81 1.53 -34.11
C LEU A 581 -31.03 2.88 -34.81
N TYR A 582 -30.82 2.92 -36.13
CA TYR A 582 -31.13 4.10 -36.96
C TYR A 582 -32.61 4.45 -36.82
N ASP A 583 -33.51 3.49 -37.03
CA ASP A 583 -34.98 3.74 -37.00
C ASP A 583 -35.39 4.18 -35.58
N LYS A 584 -34.71 3.67 -34.55
CA LYS A 584 -35.03 4.00 -33.14
C LYS A 584 -34.60 5.42 -32.80
N LEU A 585 -33.61 6.01 -33.49
CA LEU A 585 -33.13 7.37 -33.13
C LEU A 585 -34.26 8.36 -33.44
N GLN A 586 -34.67 9.17 -32.47
CA GLN A 586 -35.76 10.17 -32.65
C GLN A 586 -35.11 11.48 -33.09
N PHE A 587 -34.37 11.41 -34.20
CA PHE A 587 -33.55 12.52 -34.73
C PHE A 587 -34.12 12.86 -36.09
N THR A 588 -33.84 14.07 -36.53
CA THR A 588 -34.01 14.54 -37.92
C THR A 588 -33.08 13.72 -38.82
N SER A 589 -33.61 13.02 -39.81
CA SER A 589 -32.78 12.35 -40.83
C SER A 589 -32.21 13.36 -41.82
N LEU A 590 -30.92 13.25 -42.13
CA LEU A 590 -30.26 14.00 -43.22
C LEU A 590 -30.21 13.12 -44.46
N GLU A 591 -30.10 13.75 -45.65
CA GLU A 591 -29.97 13.09 -46.98
C GLU A 591 -28.49 12.90 -47.33
N ILE A 592 -28.21 12.21 -48.45
CA ILE A 592 -26.89 11.86 -49.05
C ILE A 592 -26.48 10.51 -48.46
N VAL B 2 -15.83 12.53 16.89
CA VAL B 2 -16.17 11.89 18.21
C VAL B 2 -15.28 10.67 18.47
N GLY B 3 -14.79 10.50 19.71
CA GLY B 3 -13.88 9.41 20.11
C GLY B 3 -13.51 9.40 21.59
N ALA B 4 -12.40 8.76 21.92
CA ALA B 4 -11.95 8.47 23.30
C ALA B 4 -10.80 9.42 23.67
N CYS B 5 -10.84 9.95 24.91
CA CYS B 5 -9.82 10.86 25.49
C CYS B 5 -8.51 10.10 25.60
N VAL B 6 -7.38 10.76 25.30
CA VAL B 6 -6.03 10.12 25.33
C VAL B 6 -5.49 10.10 26.76
N LEU B 7 -6.14 10.79 27.72
CA LEU B 7 -5.72 10.77 29.15
C LEU B 7 -6.71 10.00 30.04
N CYS B 8 -7.99 9.90 29.61
CA CYS B 8 -9.16 9.49 30.43
C CYS B 8 -9.82 8.23 29.88
N ASN B 9 -9.86 8.14 28.55
CA ASN B 9 -10.66 7.17 27.76
C ASN B 9 -12.12 7.62 27.73
N SER B 10 -12.51 8.57 28.60
CA SER B 10 -13.85 9.21 28.61
C SER B 10 -14.23 9.63 27.18
N GLN B 11 -15.45 9.31 26.75
CA GLN B 11 -15.98 9.63 25.40
C GLN B 11 -15.86 11.15 25.21
N THR B 12 -15.81 11.64 23.96
CA THR B 12 -15.73 13.09 23.67
C THR B 12 -16.09 13.44 22.22
N SER B 13 -16.56 14.67 22.01
CA SER B 13 -16.71 15.31 20.67
C SER B 13 -15.65 16.41 20.46
N LEU B 14 -14.55 16.37 21.21
CA LEU B 14 -13.52 17.45 21.21
C LEU B 14 -12.16 16.87 20.82
N ARG B 15 -11.41 17.62 20.02
CA ARG B 15 -9.98 17.40 19.70
C ARG B 15 -9.26 18.73 19.87
N CYS B 16 -8.04 18.70 20.44
CA CYS B 16 -7.15 19.89 20.44
C CYS B 16 -6.72 20.14 19.00
N GLY B 17 -6.99 21.33 18.49
CA GLY B 17 -6.70 21.72 17.10
C GLY B 17 -5.27 22.21 16.96
N ALA B 18 -4.63 22.57 18.07
CA ALA B 18 -3.25 23.09 18.11
C ALA B 18 -2.24 21.92 18.17
N CYS B 19 -2.63 20.78 18.75
CA CYS B 19 -1.84 19.51 18.77
C CYS B 19 -1.72 18.99 17.34
N ILE B 20 -0.52 18.61 16.89
CA ILE B 20 -0.36 18.24 15.45
C ILE B 20 -1.05 16.89 15.21
N ARG B 21 -1.29 16.09 16.25
CA ARG B 21 -2.06 14.82 16.11
C ARG B 21 -3.56 15.01 16.41
N ARG B 22 -4.02 16.21 16.80
CA ARG B 22 -5.46 16.50 17.03
C ARG B 22 -6.09 15.44 17.93
N PRO B 23 -5.50 15.13 19.10
CA PRO B 23 -6.00 14.07 19.95
C PRO B 23 -7.38 14.38 20.55
N PHE B 24 -8.21 13.34 20.72
CA PHE B 24 -9.48 13.43 21.48
C PHE B 24 -9.13 13.75 22.94
N LEU B 25 -9.68 14.86 23.42
CA LEU B 25 -9.64 15.29 24.84
C LEU B 25 -11.09 15.53 25.26
N CYS B 26 -11.52 14.92 26.36
CA CYS B 26 -12.87 15.08 26.91
C CYS B 26 -13.00 16.51 27.45
N CYS B 27 -14.22 16.88 27.81
CA CYS B 27 -14.59 18.17 28.42
C CYS B 27 -13.55 18.56 29.49
N LYS B 28 -13.16 17.62 30.35
CA LYS B 28 -12.33 17.95 31.53
C LYS B 28 -10.88 18.15 31.08
N CYS B 29 -10.32 17.22 30.30
CA CYS B 29 -8.87 17.17 29.99
C CYS B 29 -8.57 18.24 28.93
N CYS B 30 -9.53 18.51 28.04
CA CYS B 30 -9.45 19.60 27.05
C CYS B 30 -9.23 20.93 27.76
N TYR B 31 -10.08 21.20 28.77
CA TYR B 31 -10.00 22.42 29.63
C TYR B 31 -8.62 22.50 30.27
N ASP B 32 -8.20 21.44 30.98
CA ASP B 32 -6.91 21.47 31.73
C ASP B 32 -5.74 21.71 30.76
N HIS B 33 -5.87 21.26 29.50
CA HIS B 33 -4.83 21.41 28.45
C HIS B 33 -4.83 22.85 27.95
N VAL B 34 -5.98 23.38 27.51
CA VAL B 34 -6.11 24.75 26.90
C VAL B 34 -5.73 25.84 27.91
N ILE B 35 -6.08 25.70 29.20
CA ILE B 35 -5.78 26.75 30.23
C ILE B 35 -4.31 26.70 30.64
N SER B 36 -3.63 25.57 30.48
CA SER B 36 -2.22 25.44 30.96
C SER B 36 -1.20 25.55 29.82
N THR B 37 -1.62 25.67 28.55
CA THR B 37 -0.69 25.78 27.39
C THR B 37 -1.13 26.92 26.47
N SER B 38 -0.36 27.13 25.39
CA SER B 38 -0.69 28.02 24.24
C SER B 38 -1.79 27.41 23.38
N HIS B 39 -2.12 26.14 23.57
CA HIS B 39 -3.11 25.43 22.71
C HIS B 39 -4.53 25.93 23.04
N LYS B 40 -5.17 26.67 22.13
CA LYS B 40 -6.54 27.23 22.38
C LYS B 40 -7.49 26.94 21.22
N LEU B 41 -7.05 26.27 20.16
CA LEU B 41 -8.00 25.88 19.09
C LEU B 41 -8.59 24.54 19.50
N VAL B 42 -9.93 24.44 19.55
CA VAL B 42 -10.66 23.19 19.90
C VAL B 42 -11.56 22.80 18.72
N LEU B 43 -11.54 21.50 18.39
CA LEU B 43 -12.24 20.93 17.23
C LEU B 43 -13.37 20.05 17.74
N SER B 44 -14.55 20.21 17.16
CA SER B 44 -15.73 19.31 17.31
C SER B 44 -16.29 19.03 15.92
N VAL B 45 -17.60 18.81 15.82
CA VAL B 45 -18.31 18.65 14.51
C VAL B 45 -17.94 19.84 13.64
N ASN B 46 -17.88 21.02 14.25
CA ASN B 46 -17.27 22.27 13.69
C ASN B 46 -16.03 22.61 14.49
N PRO B 47 -15.12 23.47 13.98
CA PRO B 47 -14.08 24.05 14.82
C PRO B 47 -14.70 25.12 15.72
N TYR B 48 -14.19 25.22 16.95
CA TYR B 48 -14.57 26.30 17.90
C TYR B 48 -13.91 27.58 17.42
N VAL B 49 -14.59 28.28 16.51
CA VAL B 49 -14.13 29.58 15.92
C VAL B 49 -15.36 30.50 15.85
N CYS B 50 -15.19 31.82 15.92
CA CYS B 50 -16.32 32.77 15.79
C CYS B 50 -16.87 32.72 14.36
N ASN B 51 -18.16 32.37 14.20
CA ASN B 51 -18.84 32.19 12.90
C ASN B 51 -19.34 33.55 12.38
N ALA B 52 -19.01 34.67 13.05
CA ALA B 52 -19.32 36.02 12.56
C ALA B 52 -18.40 36.31 11.38
N PRO B 53 -18.93 36.82 10.23
CA PRO B 53 -18.13 36.99 9.01
C PRO B 53 -16.91 37.90 9.17
N GLY B 54 -15.72 37.39 8.81
CA GLY B 54 -14.44 38.12 8.84
C GLY B 54 -14.00 38.44 10.27
N CYS B 55 -14.39 37.59 11.23
CA CYS B 55 -13.82 37.53 12.61
C CYS B 55 -12.81 36.38 12.71
N ASP B 56 -11.67 36.62 13.34
CA ASP B 56 -10.52 35.66 13.38
C ASP B 56 -10.34 35.10 14.80
N VAL B 57 -11.37 35.14 15.65
CA VAL B 57 -11.27 34.61 17.05
C VAL B 57 -11.41 33.08 17.01
N THR B 58 -10.31 32.38 17.38
CA THR B 58 -10.18 30.90 17.42
C THR B 58 -9.93 30.40 18.84
N ASP B 59 -9.53 31.27 19.77
CA ASP B 59 -9.25 30.91 21.19
C ASP B 59 -10.56 30.50 21.89
N VAL B 60 -10.64 29.24 22.36
CA VAL B 60 -11.83 28.63 23.01
C VAL B 60 -12.19 29.39 24.30
N THR B 61 -11.21 29.98 25.00
CA THR B 61 -11.42 30.71 26.29
C THR B 61 -12.16 32.03 26.01
N GLN B 62 -12.09 32.55 24.76
CA GLN B 62 -12.71 33.82 24.29
C GLN B 62 -13.98 33.54 23.47
N LEU B 63 -14.53 32.33 23.48
CA LEU B 63 -15.68 31.98 22.60
C LEU B 63 -16.86 31.45 23.43
N TYR B 64 -18.06 31.54 22.85
CA TYR B 64 -19.38 31.22 23.48
C TYR B 64 -20.27 30.54 22.45
N LEU B 65 -21.12 29.62 22.90
CA LEU B 65 -22.21 29.04 22.07
C LEU B 65 -23.44 29.96 22.14
N GLY B 66 -23.75 30.63 21.03
CA GLY B 66 -24.93 31.48 20.81
C GLY B 66 -25.93 30.80 19.88
N GLY B 67 -26.85 30.02 20.45
CA GLY B 67 -27.79 29.15 19.71
C GLY B 67 -27.13 27.82 19.38
N MET B 68 -26.80 27.62 18.10
CA MET B 68 -26.11 26.39 17.59
C MET B 68 -24.75 26.75 16.97
N SER B 69 -24.42 28.04 16.89
CA SER B 69 -23.16 28.60 16.32
C SER B 69 -22.26 29.14 17.45
N TYR B 70 -20.96 29.33 17.16
CA TYR B 70 -19.94 29.80 18.13
C TYR B 70 -19.58 31.25 17.78
N TYR B 71 -19.53 32.10 18.79
CA TYR B 71 -19.17 33.53 18.62
C TYR B 71 -18.18 33.91 19.71
N CYS B 72 -17.34 34.90 19.42
CA CYS B 72 -16.48 35.59 20.41
C CYS B 72 -17.33 36.58 21.24
N LYS B 73 -16.67 37.28 22.16
CA LYS B 73 -17.30 38.28 23.06
C LYS B 73 -18.01 39.33 22.19
N SER B 74 -17.35 39.78 21.12
CA SER B 74 -17.75 40.92 20.25
C SER B 74 -19.01 40.59 19.43
N HIS B 75 -19.25 39.31 19.13
CA HIS B 75 -20.25 38.88 18.12
C HIS B 75 -21.34 37.96 18.69
N LYS B 76 -21.24 37.56 19.96
CA LYS B 76 -22.21 36.58 20.55
C LYS B 76 -23.58 37.25 20.59
N PRO B 77 -24.68 36.47 20.53
CA PRO B 77 -26.01 37.00 20.82
C PRO B 77 -26.24 37.13 22.33
N PRO B 78 -27.33 37.77 22.80
CA PRO B 78 -27.57 37.97 24.23
C PRO B 78 -27.62 36.64 25.00
N ILE B 79 -28.31 35.63 24.45
CA ILE B 79 -28.45 34.27 25.06
C ILE B 79 -27.31 33.41 24.49
N SER B 80 -26.22 33.26 25.26
CA SER B 80 -25.03 32.45 24.91
C SER B 80 -24.39 31.91 26.20
N PHE B 81 -23.68 30.79 26.16
CA PHE B 81 -22.87 30.33 27.31
C PHE B 81 -21.44 30.05 26.86
N PRO B 82 -20.44 30.32 27.72
CA PRO B 82 -19.04 30.23 27.31
C PRO B 82 -18.75 28.75 27.00
N LEU B 83 -17.88 28.48 26.03
CA LEU B 83 -17.54 27.08 25.67
C LEU B 83 -16.65 26.52 26.78
N CYS B 84 -15.85 27.39 27.37
CA CYS B 84 -14.71 27.04 28.22
C CYS B 84 -14.84 27.72 29.59
N ALA B 85 -15.54 27.08 30.52
CA ALA B 85 -15.72 27.57 31.91
C ALA B 85 -16.08 26.39 32.81
N ASN B 86 -15.94 26.53 34.12
CA ASN B 86 -16.37 25.51 35.10
C ASN B 86 -15.47 24.27 35.01
N GLY B 87 -14.19 24.46 34.66
CA GLY B 87 -13.18 23.38 34.59
C GLY B 87 -13.43 22.44 33.42
N GLN B 88 -14.32 22.83 32.50
CA GLN B 88 -14.70 22.01 31.33
C GLN B 88 -14.77 22.87 30.06
N VAL B 89 -14.63 22.21 28.90
CA VAL B 89 -14.92 22.78 27.56
C VAL B 89 -16.23 22.15 27.08
N PHE B 90 -17.10 22.95 26.49
CA PHE B 90 -18.41 22.46 26.01
C PHE B 90 -18.21 21.50 24.83
N GLY B 91 -18.78 20.30 24.97
CA GLY B 91 -18.84 19.25 23.94
C GLY B 91 -19.94 18.26 24.23
N LEU B 92 -19.71 16.97 23.94
CA LEU B 92 -20.60 15.83 24.26
C LEU B 92 -20.05 15.09 25.49
N TYR B 93 -20.90 14.30 26.14
CA TYR B 93 -20.53 13.34 27.20
C TYR B 93 -19.89 14.07 28.39
N LYS B 94 -20.37 15.29 28.68
CA LYS B 94 -19.93 16.15 29.83
C LYS B 94 -20.16 15.41 31.16
N ASN B 95 -21.20 14.56 31.22
CA ASN B 95 -21.66 13.82 32.43
C ASN B 95 -20.71 12.64 32.74
N THR B 96 -20.04 12.07 31.71
CA THR B 96 -19.11 10.90 31.83
C THR B 96 -17.65 11.34 31.64
N CYS B 97 -17.22 12.40 32.35
CA CYS B 97 -15.81 12.90 32.37
C CYS B 97 -15.17 12.56 33.71
N VAL B 98 -14.01 11.91 33.67
CA VAL B 98 -13.24 11.49 34.87
C VAL B 98 -12.16 12.53 35.16
N GLY B 99 -11.34 12.89 34.17
CA GLY B 99 -10.24 13.86 34.30
C GLY B 99 -8.93 13.16 34.64
N SER B 100 -7.93 13.91 35.13
CA SER B 100 -6.57 13.44 35.49
C SER B 100 -5.99 14.36 36.57
N ASP B 101 -5.28 13.80 37.55
CA ASP B 101 -4.69 14.55 38.70
C ASP B 101 -3.61 15.50 38.17
N ASN B 102 -2.77 15.04 37.22
CA ASN B 102 -1.77 15.83 36.46
C ASN B 102 -1.95 15.59 34.95
N VAL B 103 -2.13 16.69 34.20
CA VAL B 103 -2.21 16.76 32.71
C VAL B 103 -0.82 17.20 32.19
N THR B 104 0.14 17.25 33.12
CA THR B 104 1.48 17.86 32.98
C THR B 104 2.34 17.13 31.93
N ASP B 105 2.32 15.80 31.88
CA ASP B 105 3.16 15.00 30.94
C ASP B 105 2.57 15.11 29.54
N PHE B 106 1.24 15.13 29.44
CA PHE B 106 0.52 15.29 28.16
C PHE B 106 0.87 16.63 27.51
N ASN B 107 0.94 17.71 28.30
CA ASN B 107 1.24 19.10 27.83
C ASN B 107 2.69 19.14 27.34
N ALA B 108 3.64 18.59 28.10
CA ALA B 108 5.06 18.57 27.69
C ALA B 108 5.21 17.80 26.36
N ILE B 109 4.53 16.66 26.21
CA ILE B 109 4.63 15.86 24.95
C ILE B 109 4.01 16.68 23.82
N ALA B 110 2.89 17.34 24.10
CA ALA B 110 2.03 17.99 23.09
C ALA B 110 2.74 19.24 22.52
N THR B 111 3.67 19.82 23.28
CA THR B 111 4.24 21.16 23.02
C THR B 111 5.77 21.14 22.83
N CYS B 112 6.48 20.07 23.19
CA CYS B 112 7.97 20.00 23.07
C CYS B 112 8.34 19.95 21.58
N ASP B 113 9.59 20.25 21.24
CA ASP B 113 10.05 20.26 19.82
C ASP B 113 10.91 19.02 19.52
N TRP B 114 11.07 18.08 20.46
CA TRP B 114 11.76 16.79 20.25
C TRP B 114 13.27 16.98 19.93
N THR B 115 13.89 18.09 20.34
CA THR B 115 15.33 18.41 20.07
C THR B 115 16.18 18.10 21.30
N ASN B 116 15.54 17.86 22.44
CA ASN B 116 16.21 17.50 23.73
C ASN B 116 15.93 16.04 24.08
N ALA B 117 16.94 15.35 24.62
CA ALA B 117 16.87 13.94 25.06
C ALA B 117 15.76 13.77 26.11
N GLY B 118 15.53 14.78 26.96
CA GLY B 118 14.50 14.77 28.01
C GLY B 118 13.11 14.56 27.46
N ASP B 119 12.90 14.89 26.18
CA ASP B 119 11.59 14.71 25.51
C ASP B 119 11.38 13.21 25.24
N TYR B 120 12.46 12.50 24.89
CA TYR B 120 12.46 11.04 24.58
C TYR B 120 12.38 10.28 25.91
N ILE B 121 13.00 10.81 26.96
CA ILE B 121 12.98 10.16 28.30
C ILE B 121 11.52 10.15 28.77
N LEU B 122 10.84 11.28 28.66
CA LEU B 122 9.41 11.40 29.03
C LEU B 122 8.56 10.45 28.17
N ALA B 123 8.77 10.42 26.86
CA ALA B 123 7.98 9.58 25.92
C ALA B 123 8.13 8.10 26.27
N ASN B 124 9.16 7.74 27.02
CA ASN B 124 9.38 6.31 27.37
C ASN B 124 9.12 6.04 28.85
N THR B 125 8.77 7.05 29.68
CA THR B 125 8.51 6.82 31.13
C THR B 125 7.09 7.24 31.51
N CYS B 126 6.32 7.81 30.59
CA CYS B 126 4.93 8.25 30.84
C CYS B 126 4.00 7.04 30.81
N THR B 127 2.70 7.23 30.99
CA THR B 127 1.74 6.09 30.97
C THR B 127 1.73 5.52 29.56
N GLU B 128 1.21 4.31 29.40
CA GLU B 128 1.21 3.56 28.11
C GLU B 128 0.46 4.39 27.06
N ARG B 129 -0.71 4.94 27.42
CA ARG B 129 -1.50 5.71 26.43
C ARG B 129 -0.71 6.93 25.95
N LEU B 130 0.08 7.55 26.81
CA LEU B 130 0.90 8.74 26.45
C LEU B 130 2.18 8.31 25.70
N LYS B 131 2.65 7.08 25.88
CA LYS B 131 3.72 6.51 25.01
C LYS B 131 3.22 6.53 23.57
N LEU B 132 1.96 6.13 23.33
CA LEU B 132 1.41 6.10 21.96
C LEU B 132 1.29 7.53 21.43
N PHE B 133 0.70 8.44 22.19
CA PHE B 133 0.53 9.86 21.81
C PHE B 133 1.91 10.44 21.49
N ALA B 134 2.91 10.20 22.34
CA ALA B 134 4.28 10.74 22.14
C ALA B 134 4.90 10.18 20.85
N ALA B 135 4.74 8.87 20.62
CA ALA B 135 5.30 8.14 19.46
C ALA B 135 4.70 8.72 18.17
N GLU B 136 3.38 8.84 18.07
CA GLU B 136 2.70 9.52 16.94
C GLU B 136 3.21 10.97 16.80
N THR B 137 3.28 11.70 17.90
CA THR B 137 3.48 13.17 17.87
C THR B 137 4.90 13.39 17.35
N LEU B 138 5.85 12.61 17.88
CA LEU B 138 7.28 12.59 17.47
C LEU B 138 7.40 12.23 15.98
N LYS B 139 6.72 11.17 15.53
CA LYS B 139 6.87 10.72 14.12
C LYS B 139 6.28 11.79 13.18
N ALA B 140 5.11 12.32 13.50
CA ALA B 140 4.48 13.40 12.69
C ALA B 140 5.45 14.58 12.65
N THR B 141 6.08 14.93 13.79
CA THR B 141 7.04 16.07 13.86
C THR B 141 8.21 15.77 12.92
N GLU B 142 8.78 14.57 13.01
CA GLU B 142 9.90 14.10 12.16
C GLU B 142 9.53 14.23 10.67
N GLU B 143 8.32 13.78 10.27
CA GLU B 143 7.89 13.73 8.84
C GLU B 143 7.69 15.15 8.32
N THR B 144 7.08 16.02 9.11
CA THR B 144 6.82 17.44 8.76
C THR B 144 8.17 18.15 8.63
N PHE B 145 9.10 17.86 9.54
CA PHE B 145 10.47 18.44 9.50
C PHE B 145 11.18 18.11 8.18
N LYS B 146 10.93 16.95 7.57
CA LYS B 146 11.55 16.60 6.26
C LYS B 146 11.10 17.60 5.17
N LEU B 147 9.86 18.13 5.24
CA LEU B 147 9.30 19.17 4.31
C LEU B 147 10.03 20.51 4.51
N SER B 148 10.66 20.76 5.66
CA SER B 148 11.36 22.03 5.96
C SER B 148 12.58 22.19 5.05
N TYR B 149 13.05 21.10 4.44
CA TYR B 149 14.25 21.07 3.60
C TYR B 149 13.94 21.52 2.17
N GLY B 150 14.89 22.23 1.58
CA GLY B 150 14.79 22.74 0.20
C GLY B 150 14.94 21.62 -0.81
N ILE B 151 14.26 21.77 -1.93
CA ILE B 151 14.31 20.87 -3.13
C ILE B 151 15.71 20.98 -3.75
N ALA B 152 16.36 19.86 -4.02
CA ALA B 152 17.59 19.78 -4.84
C ALA B 152 17.20 19.54 -6.31
N THR B 153 17.75 20.31 -7.25
CA THR B 153 17.47 20.15 -8.70
C THR B 153 18.80 19.93 -9.40
N VAL B 154 18.82 19.00 -10.38
CA VAL B 154 19.97 18.76 -11.30
C VAL B 154 20.15 20.02 -12.15
N ARG B 155 21.29 20.68 -11.98
CA ARG B 155 21.69 21.89 -12.75
C ARG B 155 22.50 21.44 -13.98
N GLU B 156 23.24 20.36 -13.80
CA GLU B 156 24.24 19.86 -14.78
C GLU B 156 24.64 18.45 -14.35
N VAL B 157 24.41 17.45 -15.19
CA VAL B 157 24.98 16.08 -15.01
C VAL B 157 26.45 16.16 -15.43
N LEU B 158 27.36 16.16 -14.46
CA LEU B 158 28.83 16.32 -14.68
C LEU B 158 29.35 15.06 -15.38
N SER B 159 28.88 13.90 -14.94
CA SER B 159 29.26 12.57 -15.45
C SER B 159 28.19 11.56 -15.01
N ASP B 160 28.48 10.27 -15.15
CA ASP B 160 27.75 9.18 -14.45
C ASP B 160 28.14 9.23 -12.98
N ARG B 161 27.16 9.03 -12.08
CA ARG B 161 27.36 8.93 -10.60
C ARG B 161 27.83 10.25 -9.97
N GLU B 162 27.81 11.39 -10.70
CA GLU B 162 28.17 12.72 -10.15
C GLU B 162 27.26 13.81 -10.75
N LEU B 163 26.82 14.77 -9.91
CA LEU B 163 25.83 15.82 -10.26
C LEU B 163 26.27 17.21 -9.76
N HIS B 164 25.73 18.24 -10.40
CA HIS B 164 25.70 19.65 -9.93
C HIS B 164 24.26 19.96 -9.53
N LEU B 165 24.00 20.22 -8.24
CA LEU B 165 22.63 20.48 -7.72
C LEU B 165 22.40 21.98 -7.48
N SER B 166 21.23 22.48 -7.87
CA SER B 166 20.67 23.80 -7.45
C SER B 166 19.75 23.57 -6.25
N TRP B 167 19.85 24.41 -5.22
CA TRP B 167 19.08 24.26 -3.95
C TRP B 167 18.07 25.40 -3.84
N GLU B 168 16.84 25.07 -3.45
CA GLU B 168 15.75 26.02 -3.16
C GLU B 168 16.27 27.07 -2.18
N VAL B 169 16.06 28.35 -2.49
CA VAL B 169 16.43 29.51 -1.63
C VAL B 169 15.38 29.65 -0.53
N GLY B 170 15.79 30.03 0.68
CA GLY B 170 14.86 30.33 1.79
C GLY B 170 14.48 29.09 2.58
N LYS B 171 15.07 27.93 2.26
CA LYS B 171 14.87 26.65 3.00
C LYS B 171 16.24 26.03 3.26
N PRO B 172 16.48 25.44 4.45
CA PRO B 172 17.76 24.79 4.73
C PRO B 172 17.97 23.57 3.82
N ARG B 173 19.21 23.10 3.72
CA ARG B 173 19.60 21.90 2.96
C ARG B 173 19.78 20.75 3.93
N PRO B 174 19.24 19.55 3.62
CA PRO B 174 19.40 18.38 4.48
C PRO B 174 20.86 17.94 4.49
N PRO B 175 21.31 17.21 5.54
CA PRO B 175 22.61 16.55 5.53
C PRO B 175 22.69 15.55 4.38
N LEU B 176 23.83 15.48 3.71
CA LEU B 176 24.05 14.54 2.57
C LEU B 176 24.82 13.31 3.05
N ASN B 177 24.10 12.28 3.52
CA ASN B 177 24.64 10.96 3.96
C ASN B 177 23.57 9.86 3.81
N ARG B 178 23.93 8.60 4.08
CA ARG B 178 23.11 7.39 3.85
C ARG B 178 21.78 7.46 4.61
N ASN B 179 21.72 8.25 5.69
CA ASN B 179 20.51 8.40 6.56
C ASN B 179 19.47 9.34 5.93
N TYR B 180 19.72 9.88 4.74
CA TYR B 180 18.76 10.79 4.04
C TYR B 180 18.53 10.25 2.63
N VAL B 181 17.41 9.54 2.45
CA VAL B 181 17.01 8.95 1.13
C VAL B 181 16.02 9.92 0.47
N PHE B 182 16.38 10.35 -0.75
CA PHE B 182 15.64 11.31 -1.59
C PHE B 182 14.77 10.53 -2.57
N THR B 183 13.85 11.21 -3.24
CA THR B 183 13.06 10.65 -4.36
C THR B 183 13.20 11.59 -5.54
N GLY B 184 13.71 11.06 -6.66
CA GLY B 184 13.85 11.81 -7.93
C GLY B 184 12.48 11.98 -8.56
N TYR B 185 12.36 12.96 -9.44
CA TYR B 185 11.11 13.30 -10.18
C TYR B 185 11.50 13.97 -11.49
N ARG B 186 10.83 13.62 -12.60
CA ARG B 186 11.03 14.22 -13.96
C ARG B 186 9.81 15.10 -14.30
N VAL B 187 10.05 16.35 -14.70
CA VAL B 187 9.00 17.41 -14.81
C VAL B 187 8.18 17.16 -16.07
N THR B 188 7.00 16.53 -15.94
CA THR B 188 6.09 16.19 -17.08
C THR B 188 5.19 17.39 -17.41
N LYS B 189 4.43 17.28 -18.49
CA LYS B 189 3.58 18.36 -19.06
C LYS B 189 2.88 19.12 -17.93
N ASN B 190 2.18 18.40 -17.03
CA ASN B 190 1.28 19.01 -16.00
C ASN B 190 1.48 18.37 -14.62
N SER B 191 2.56 17.60 -14.42
CA SER B 191 2.82 16.90 -13.13
C SER B 191 4.30 16.47 -13.04
N LYS B 192 4.61 15.58 -12.08
CA LYS B 192 5.95 15.02 -11.78
C LYS B 192 5.83 13.50 -11.68
N VAL B 193 6.76 12.76 -12.30
CA VAL B 193 6.79 11.26 -12.25
C VAL B 193 7.98 10.79 -11.41
N GLN B 194 7.71 9.95 -10.40
CA GLN B 194 8.72 9.30 -9.52
C GLN B 194 9.75 8.59 -10.40
N ILE B 195 11.03 8.78 -10.11
CA ILE B 195 12.19 8.23 -10.88
C ILE B 195 13.11 7.47 -9.90
N GLY B 196 12.53 6.98 -8.79
CA GLY B 196 13.20 6.08 -7.82
C GLY B 196 13.82 6.83 -6.65
N GLU B 197 14.33 6.11 -5.65
CA GLU B 197 14.96 6.67 -4.42
C GLU B 197 16.48 6.85 -4.65
N TYR B 198 17.09 7.81 -3.94
CA TYR B 198 18.50 8.25 -4.10
C TYR B 198 19.08 8.63 -2.73
N THR B 199 20.40 8.47 -2.54
CA THR B 199 21.18 9.11 -1.44
C THR B 199 22.34 9.89 -2.08
N PHE B 200 22.91 10.85 -1.34
CA PHE B 200 23.95 11.79 -1.86
C PHE B 200 25.10 11.93 -0.86
N GLU B 201 26.30 12.12 -1.39
CA GLU B 201 27.54 12.45 -0.64
C GLU B 201 28.30 13.55 -1.40
N LYS B 202 29.04 14.43 -0.71
CA LYS B 202 29.83 15.54 -1.30
C LYS B 202 30.91 14.95 -2.21
N GLY B 203 31.33 15.69 -3.24
CA GLY B 203 32.33 15.26 -4.23
C GLY B 203 33.69 15.90 -4.00
N ALA B 208 28.65 20.09 -6.41
CA ALA B 208 29.41 18.92 -6.93
C ALA B 208 29.21 17.71 -6.00
N VAL B 209 28.24 16.83 -6.30
CA VAL B 209 27.81 15.72 -5.39
C VAL B 209 27.85 14.39 -6.14
N VAL B 210 27.93 13.29 -5.37
CA VAL B 210 27.94 11.87 -5.83
C VAL B 210 26.64 11.20 -5.36
N TYR B 211 25.91 10.52 -6.26
CA TYR B 211 24.60 9.88 -5.95
C TYR B 211 24.70 8.35 -6.03
N ARG B 212 24.18 7.67 -5.00
CA ARG B 212 24.03 6.18 -4.94
C ARG B 212 22.54 5.84 -5.11
N GLY B 213 22.04 5.91 -6.35
CA GLY B 213 20.61 5.76 -6.70
C GLY B 213 20.13 4.33 -6.55
N THR B 214 18.94 4.15 -5.97
CA THR B 214 18.24 2.85 -5.73
C THR B 214 17.93 2.14 -7.06
N THR B 215 17.61 2.92 -8.10
CA THR B 215 17.39 2.43 -9.48
C THR B 215 18.50 3.00 -10.38
N THR B 216 18.52 2.61 -11.65
CA THR B 216 19.42 3.18 -12.70
C THR B 216 18.53 3.90 -13.72
N TYR B 217 18.77 5.21 -13.91
CA TYR B 217 18.03 6.12 -14.81
C TYR B 217 19.00 7.15 -15.37
N LYS B 218 18.95 7.42 -16.69
CA LYS B 218 19.76 8.48 -17.36
C LYS B 218 19.18 9.84 -16.98
N LEU B 219 19.34 10.27 -15.72
CA LEU B 219 18.75 11.53 -15.19
C LEU B 219 19.39 12.72 -15.90
N ASN B 220 18.60 13.78 -16.07
CA ASN B 220 18.89 14.94 -16.95
C ASN B 220 18.57 16.22 -16.17
N VAL B 221 19.13 17.35 -16.61
CA VAL B 221 18.95 18.69 -16.01
C VAL B 221 17.45 18.93 -15.76
N GLY B 222 17.10 19.51 -14.60
CA GLY B 222 15.71 19.84 -14.25
C GLY B 222 15.06 18.76 -13.41
N ASP B 223 15.61 17.55 -13.40
CA ASP B 223 15.20 16.48 -12.45
C ASP B 223 15.44 17.00 -11.03
N TYR B 224 14.57 16.66 -10.07
CA TYR B 224 14.67 17.18 -8.68
C TYR B 224 14.45 16.06 -7.67
N PHE B 225 14.84 16.35 -6.42
CA PHE B 225 14.98 15.39 -5.30
C PHE B 225 14.41 15.98 -4.02
N VAL B 226 13.50 15.22 -3.40
CA VAL B 226 12.83 15.56 -2.11
C VAL B 226 12.86 14.32 -1.22
N LEU B 227 13.07 14.54 0.08
CA LEU B 227 13.03 13.45 1.09
C LEU B 227 11.58 12.99 1.22
N THR B 228 11.29 11.74 0.89
CA THR B 228 9.90 11.21 0.90
C THR B 228 9.38 11.29 2.34
N SER B 229 8.25 11.97 2.50
CA SER B 229 7.52 12.24 3.76
C SER B 229 6.20 11.46 3.74
N HIS B 230 6.01 10.51 4.67
CA HIS B 230 4.82 9.62 4.68
C HIS B 230 3.79 10.10 5.71
N THR B 231 2.51 9.81 5.44
CA THR B 231 1.36 9.98 6.39
C THR B 231 1.58 9.10 7.62
N VAL B 232 1.68 9.70 8.81
CA VAL B 232 1.78 8.98 10.10
C VAL B 232 0.36 8.57 10.53
N MET B 233 0.09 7.26 10.60
CA MET B 233 -1.23 6.75 11.04
C MET B 233 -1.32 6.79 12.57
N PRO B 234 -2.54 6.82 13.14
CA PRO B 234 -2.74 6.83 14.59
C PRO B 234 -2.45 5.44 15.18
N LEU B 235 -2.08 5.42 16.45
CA LEU B 235 -1.66 4.20 17.19
C LEU B 235 -2.84 3.81 18.08
N SER B 236 -3.01 2.51 18.31
CA SER B 236 -4.13 1.95 19.09
C SER B 236 -3.61 0.92 20.09
N ALA B 237 -2.66 0.07 19.69
CA ALA B 237 -2.12 -1.04 20.50
C ALA B 237 -1.01 -0.51 21.41
N PRO B 238 -0.85 -1.10 22.63
CA PRO B 238 0.25 -0.72 23.51
C PRO B 238 1.59 -1.12 22.90
N THR B 239 2.69 -0.58 23.44
CA THR B 239 4.05 -0.89 22.94
C THR B 239 4.47 -2.31 23.36
N LEU B 240 4.00 -2.77 24.53
CA LEU B 240 4.07 -4.17 25.04
C LEU B 240 2.70 -4.64 25.50
N VAL B 241 2.30 -5.84 25.12
CA VAL B 241 1.05 -6.49 25.64
C VAL B 241 1.28 -6.76 27.12
N PRO B 242 0.23 -7.00 27.90
CA PRO B 242 0.42 -7.35 29.32
C PRO B 242 1.23 -8.64 29.41
N GLN B 243 2.30 -8.66 30.20
CA GLN B 243 3.10 -9.87 30.44
C GLN B 243 2.22 -10.93 31.12
N GLU B 244 2.46 -12.18 30.75
CA GLU B 244 1.92 -13.38 31.43
C GLU B 244 3.03 -14.42 31.54
N HIS B 245 3.19 -15.03 32.71
CA HIS B 245 4.09 -16.19 32.95
C HIS B 245 3.22 -17.42 33.12
N TYR B 246 3.70 -18.54 32.60
CA TYR B 246 2.97 -19.81 32.55
C TYR B 246 3.81 -20.83 33.30
N VAL B 247 3.16 -21.92 33.68
CA VAL B 247 3.74 -23.01 34.51
C VAL B 247 4.25 -24.09 33.53
N ARG B 248 3.72 -24.12 32.31
CA ARG B 248 4.11 -25.03 31.20
C ARG B 248 4.26 -24.22 29.91
N ILE B 249 4.91 -24.79 28.91
CA ILE B 249 4.95 -24.24 27.53
C ILE B 249 3.52 -24.24 27.05
N THR B 250 3.06 -23.16 26.45
CA THR B 250 1.63 -22.91 26.11
C THR B 250 1.50 -22.76 24.60
N GLY B 251 0.61 -23.55 23.99
CA GLY B 251 0.21 -23.40 22.59
C GLY B 251 1.32 -23.77 21.61
N LEU B 252 2.39 -24.37 22.12
CA LEU B 252 3.58 -24.77 21.33
C LEU B 252 3.90 -26.22 21.68
N TYR B 253 4.41 -26.98 20.71
CA TYR B 253 4.71 -28.43 20.88
C TYR B 253 6.18 -28.62 20.49
N PRO B 254 7.08 -28.78 21.50
CA PRO B 254 8.50 -28.90 21.22
C PRO B 254 8.83 -30.19 20.45
N THR B 255 9.87 -30.13 19.62
CA THR B 255 10.32 -31.29 18.82
C THR B 255 10.85 -32.38 19.76
N LEU B 256 10.93 -33.63 19.31
CA LEU B 256 11.56 -34.72 20.10
C LEU B 256 13.05 -34.83 19.77
N ASN B 257 13.43 -34.51 18.53
CA ASN B 257 14.83 -34.57 18.04
C ASN B 257 15.23 -33.16 17.62
N ILE B 258 16.31 -32.65 18.18
CA ILE B 258 16.88 -31.36 17.75
C ILE B 258 18.32 -31.59 17.31
N SER B 259 18.77 -30.79 16.36
CA SER B 259 20.17 -30.76 15.89
C SER B 259 21.04 -30.19 17.03
N ASP B 260 22.26 -30.70 17.16
CA ASP B 260 23.28 -30.20 18.12
C ASP B 260 23.69 -28.78 17.74
N GLU B 261 23.24 -28.31 16.58
CA GLU B 261 23.42 -26.91 16.13
C GLU B 261 22.58 -25.96 16.98
N PHE B 262 21.39 -26.38 17.45
CA PHE B 262 20.43 -25.55 18.22
C PHE B 262 20.31 -25.96 19.68
N SER B 263 21.08 -26.97 20.10
CA SER B 263 20.99 -27.58 21.46
C SER B 263 21.31 -26.51 22.51
N SER B 264 22.22 -25.58 22.24
CA SER B 264 22.60 -24.51 23.19
C SER B 264 21.39 -23.63 23.53
N ASN B 265 20.35 -23.57 22.71
CA ASN B 265 19.24 -22.60 22.94
C ASN B 265 18.00 -23.33 23.48
N VAL B 266 18.04 -24.64 23.68
CA VAL B 266 16.82 -25.42 24.09
C VAL B 266 16.18 -24.80 25.34
N ALA B 267 16.94 -24.49 26.40
CA ALA B 267 16.37 -23.91 27.64
C ALA B 267 15.67 -22.58 27.29
N ASN B 268 16.33 -21.71 26.52
CA ASN B 268 15.74 -20.41 26.11
C ASN B 268 14.50 -20.63 25.25
N TYR B 269 14.47 -21.67 24.42
CA TYR B 269 13.29 -21.95 23.58
C TYR B 269 12.10 -22.31 24.47
N GLN B 270 12.39 -22.99 25.59
CA GLN B 270 11.35 -23.43 26.55
C GLN B 270 10.84 -22.17 27.25
N LYS B 271 11.76 -21.30 27.66
CA LYS B 271 11.40 -20.03 28.33
C LYS B 271 10.46 -19.25 27.40
N VAL B 272 10.70 -19.28 26.08
CA VAL B 272 9.86 -18.52 25.12
C VAL B 272 8.43 -19.02 25.23
N GLY B 273 8.25 -20.34 25.37
CA GLY B 273 6.90 -20.96 25.41
C GLY B 273 6.23 -20.74 26.76
N MET B 274 6.98 -20.28 27.77
CA MET B 274 6.47 -20.18 29.15
C MET B 274 6.17 -18.73 29.58
N GLN B 275 6.28 -17.77 28.68
CA GLN B 275 5.74 -16.41 28.96
C GLN B 275 5.18 -15.82 27.66
N LYS B 276 4.35 -14.80 27.82
CA LYS B 276 3.63 -14.16 26.70
C LYS B 276 4.68 -13.44 25.83
N TYR B 277 5.69 -12.83 26.42
CA TYR B 277 6.73 -12.17 25.62
C TYR B 277 8.03 -12.31 26.39
N SER B 278 9.11 -12.34 25.63
CA SER B 278 10.47 -12.58 26.17
C SER B 278 11.45 -11.74 25.37
N THR B 279 12.48 -11.28 26.07
CA THR B 279 13.50 -10.39 25.51
C THR B 279 14.76 -11.23 25.44
N LEU B 280 15.47 -11.16 24.30
CA LEU B 280 16.79 -11.82 24.11
C LEU B 280 17.80 -10.73 23.78
N GLN B 281 18.75 -10.53 24.67
CA GLN B 281 19.94 -9.69 24.39
C GLN B 281 20.99 -10.58 23.72
N GLY B 282 21.26 -10.28 22.45
CA GLY B 282 22.30 -10.97 21.68
C GLY B 282 23.41 -10.02 21.31
N PRO B 283 24.53 -9.99 22.06
CA PRO B 283 25.69 -9.20 21.68
C PRO B 283 26.19 -9.54 20.29
N PRO B 284 27.15 -8.77 19.74
CA PRO B 284 27.66 -9.04 18.41
C PRO B 284 28.18 -10.47 18.25
N GLY B 285 27.67 -11.15 17.24
CA GLY B 285 28.18 -12.48 16.79
C GLY B 285 27.87 -13.57 17.81
N THR B 286 26.80 -13.43 18.58
CA THR B 286 26.41 -14.46 19.59
C THR B 286 25.32 -15.36 19.04
N GLY B 287 24.72 -15.04 17.89
CA GLY B 287 23.80 -15.96 17.18
C GLY B 287 22.33 -15.60 17.30
N LYS B 288 21.99 -14.33 17.11
CA LYS B 288 20.59 -13.87 17.15
C LYS B 288 19.75 -14.56 16.08
N SER B 289 20.20 -14.56 14.83
CA SER B 289 19.47 -15.14 13.67
C SER B 289 19.38 -16.66 13.85
N HIS B 290 20.46 -17.27 14.27
CA HIS B 290 20.53 -18.73 14.55
C HIS B 290 19.43 -19.04 15.58
N PHE B 291 19.36 -18.25 16.66
CA PHE B 291 18.33 -18.37 17.71
C PHE B 291 16.95 -18.34 17.06
N ALA B 292 16.66 -17.30 16.30
CA ALA B 292 15.33 -17.01 15.73
C ALA B 292 14.89 -18.18 14.84
N ILE B 293 15.77 -18.65 13.94
CA ILE B 293 15.38 -19.73 13.00
C ILE B 293 15.28 -21.05 13.77
N GLY B 294 16.17 -21.29 14.72
CA GLY B 294 16.20 -22.51 15.55
C GLY B 294 14.90 -22.69 16.35
N LEU B 295 14.22 -21.57 16.63
CA LEU B 295 12.97 -21.55 17.39
C LEU B 295 11.91 -22.30 16.58
N ALA B 296 11.96 -22.16 15.25
CA ALA B 296 11.02 -22.81 14.31
C ALA B 296 11.27 -24.32 14.30
N LEU B 297 12.53 -24.72 14.37
CA LEU B 297 12.90 -26.15 14.39
C LEU B 297 12.52 -26.75 15.75
N TYR B 298 12.57 -25.95 16.81
CA TYR B 298 12.23 -26.47 18.15
C TYR B 298 10.72 -26.61 18.26
N TYR B 299 9.94 -25.75 17.61
CA TYR B 299 8.46 -25.78 17.61
C TYR B 299 7.97 -25.98 16.17
N PRO B 300 8.20 -27.18 15.59
CA PRO B 300 8.13 -27.37 14.15
C PRO B 300 6.76 -27.08 13.53
N SER B 301 5.67 -27.19 14.29
CA SER B 301 4.29 -26.97 13.76
C SER B 301 3.88 -25.50 13.97
N ALA B 302 4.62 -24.72 14.77
CA ALA B 302 4.31 -23.32 15.12
C ALA B 302 4.39 -22.41 13.88
N ARG B 303 3.37 -21.58 13.68
CA ARG B 303 3.36 -20.49 12.67
C ARG B 303 4.11 -19.31 13.26
N ILE B 304 5.15 -18.85 12.58
CA ILE B 304 6.05 -17.78 13.08
C ILE B 304 6.08 -16.65 12.08
N VAL B 305 5.77 -15.44 12.53
CA VAL B 305 6.01 -14.19 11.78
C VAL B 305 7.32 -13.63 12.29
N TYR B 306 8.29 -13.47 11.39
CA TYR B 306 9.62 -12.86 11.61
C TYR B 306 9.53 -11.42 11.09
N THR B 307 9.78 -10.45 11.96
CA THR B 307 9.63 -9.03 11.58
C THR B 307 10.84 -8.26 12.09
N ALA B 308 11.13 -7.15 11.43
CA ALA B 308 12.11 -6.13 11.86
C ALA B 308 11.75 -4.82 11.15
N CYS B 309 12.37 -3.72 11.55
CA CYS B 309 12.12 -2.39 10.93
C CYS B 309 12.66 -2.39 9.49
N SER B 310 13.87 -2.87 9.30
CA SER B 310 14.61 -2.71 8.01
C SER B 310 14.43 -3.93 7.13
N HIS B 311 14.36 -3.72 5.81
CA HIS B 311 14.38 -4.79 4.80
C HIS B 311 15.65 -5.64 5.01
N ALA B 312 16.81 -5.03 5.27
CA ALA B 312 18.10 -5.74 5.47
C ALA B 312 17.96 -6.73 6.65
N ALA B 313 17.40 -6.29 7.78
CA ALA B 313 17.20 -7.15 8.97
C ALA B 313 16.29 -8.31 8.58
N VAL B 314 15.19 -8.03 7.90
CA VAL B 314 14.25 -9.10 7.51
C VAL B 314 14.96 -10.09 6.57
N ASP B 315 15.70 -9.57 5.58
CA ASP B 315 16.37 -10.41 4.55
C ASP B 315 17.39 -11.34 5.22
N ALA B 316 18.10 -10.85 6.24
CA ALA B 316 19.11 -11.63 6.99
C ALA B 316 18.42 -12.81 7.69
N LEU B 317 17.20 -12.59 8.20
CA LEU B 317 16.38 -13.69 8.73
C LEU B 317 16.01 -14.65 7.59
N CYS B 318 15.65 -14.14 6.42
CA CYS B 318 15.31 -14.97 5.23
C CYS B 318 16.53 -15.83 4.82
N GLU B 319 17.73 -15.26 4.77
CA GLU B 319 18.96 -16.01 4.42
C GLU B 319 19.17 -17.15 5.42
N LYS B 320 19.03 -16.91 6.72
CA LYS B 320 19.25 -17.94 7.76
C LYS B 320 18.15 -18.99 7.61
N ALA B 321 16.91 -18.58 7.33
CA ALA B 321 15.77 -19.51 7.16
C ALA B 321 16.06 -20.42 5.97
N LEU B 322 16.55 -19.84 4.88
CA LEU B 322 16.80 -20.53 3.59
C LEU B 322 17.70 -21.74 3.82
N LYS B 323 18.57 -21.67 4.84
CA LYS B 323 19.59 -22.67 5.22
C LYS B 323 19.05 -23.74 6.17
N TYR B 324 17.87 -23.55 6.80
CA TYR B 324 17.37 -24.48 7.85
C TYR B 324 15.88 -24.82 7.69
N LEU B 325 15.07 -24.01 7.01
CA LEU B 325 13.60 -24.17 6.98
C LEU B 325 13.13 -24.56 5.58
N PRO B 326 12.06 -25.37 5.45
CA PRO B 326 11.53 -25.70 4.12
C PRO B 326 11.08 -24.45 3.36
N ILE B 327 11.73 -24.18 2.21
CA ILE B 327 11.48 -22.97 1.37
C ILE B 327 10.00 -22.85 1.02
N ASP B 328 9.30 -23.95 0.79
CA ASP B 328 7.85 -23.93 0.42
C ASP B 328 7.00 -23.53 1.64
N LYS B 329 7.58 -23.40 2.85
CA LYS B 329 6.83 -23.00 4.07
C LYS B 329 7.12 -21.55 4.43
N CYS B 330 7.88 -20.84 3.60
CA CYS B 330 8.30 -19.44 3.82
C CYS B 330 7.64 -18.52 2.80
N SER B 331 7.32 -17.29 3.23
CA SER B 331 6.86 -16.20 2.35
C SER B 331 7.48 -14.87 2.81
N ARG B 332 8.02 -14.12 1.85
CA ARG B 332 8.49 -12.73 2.06
C ARG B 332 7.31 -11.82 1.69
N ILE B 333 6.78 -11.08 2.67
CA ILE B 333 5.76 -10.01 2.42
C ILE B 333 6.50 -8.76 1.91
N ILE B 334 6.10 -8.29 0.73
CA ILE B 334 6.69 -7.10 0.06
C ILE B 334 5.54 -6.14 -0.24
N PRO B 335 5.64 -4.87 0.19
CA PRO B 335 4.62 -3.86 -0.14
C PRO B 335 4.78 -3.46 -1.61
N ALA B 336 3.68 -3.41 -2.37
CA ALA B 336 3.64 -2.99 -3.79
C ALA B 336 3.99 -1.50 -3.89
N VAL B 340 12.66 -0.66 -3.51
CA VAL B 340 13.58 -1.44 -2.62
C VAL B 340 13.72 -2.87 -3.15
N GLU B 341 14.96 -3.30 -3.40
CA GLU B 341 15.29 -4.70 -3.78
C GLU B 341 15.56 -5.49 -2.50
N CYS B 342 14.76 -6.52 -2.23
CA CYS B 342 14.94 -7.38 -1.04
C CYS B 342 14.96 -8.85 -1.45
N PHE B 343 14.93 -9.74 -0.47
CA PHE B 343 15.04 -11.22 -0.60
C PHE B 343 13.98 -11.74 -1.57
N ASP B 344 14.37 -12.47 -2.63
CA ASP B 344 13.42 -12.92 -3.70
C ASP B 344 13.44 -14.45 -3.88
N LYS B 345 13.74 -15.24 -2.84
CA LYS B 345 13.81 -16.73 -2.98
C LYS B 345 12.56 -17.41 -2.40
N PHE B 346 11.68 -16.66 -1.72
CA PHE B 346 10.43 -17.19 -1.13
C PHE B 346 9.25 -16.71 -1.97
N LYS B 347 8.16 -17.48 -2.01
CA LYS B 347 6.89 -16.99 -2.61
C LYS B 347 6.58 -15.64 -1.95
N VAL B 348 6.11 -14.68 -2.74
CA VAL B 348 5.93 -13.27 -2.30
C VAL B 348 4.47 -13.09 -1.87
N ASN B 349 4.27 -12.43 -0.71
CA ASN B 349 2.95 -11.94 -0.22
C ASN B 349 1.97 -13.10 -0.05
N SER B 350 2.43 -14.22 0.52
CA SER B 350 1.57 -15.35 0.99
C SER B 350 1.46 -15.29 2.51
N THR B 351 0.47 -14.53 2.98
CA THR B 351 0.16 -14.23 4.41
C THR B 351 -0.06 -15.53 5.21
N LEU B 352 -0.58 -16.60 4.60
CA LEU B 352 -0.98 -17.84 5.33
C LEU B 352 0.17 -18.88 5.36
N GLU B 353 1.33 -18.56 4.80
CA GLU B 353 2.51 -19.46 4.88
C GLU B 353 2.91 -19.64 6.35
N GLN B 354 3.47 -20.79 6.73
CA GLN B 354 3.83 -21.11 8.13
C GLN B 354 4.88 -20.12 8.64
N TYR B 355 5.83 -19.72 7.79
CA TYR B 355 6.91 -18.75 8.11
C TYR B 355 6.76 -17.51 7.24
N VAL B 356 6.50 -16.38 7.89
CA VAL B 356 6.24 -15.08 7.22
C VAL B 356 7.35 -14.13 7.65
N PHE B 357 8.01 -13.49 6.69
CA PHE B 357 9.17 -12.58 6.87
C PHE B 357 8.72 -11.27 6.23
N CYS B 358 8.71 -10.19 6.99
CA CYS B 358 7.97 -8.95 6.67
C CYS B 358 8.48 -7.82 7.56
N THR B 359 8.69 -6.65 6.97
CA THR B 359 9.05 -5.43 7.74
C THR B 359 7.82 -4.98 8.54
N VAL B 360 8.05 -4.29 9.65
CA VAL B 360 6.98 -3.77 10.53
C VAL B 360 5.97 -2.98 9.69
N ASN B 361 6.43 -2.05 8.83
CA ASN B 361 5.56 -1.09 8.11
C ASN B 361 4.64 -1.83 7.14
N ALA B 362 4.98 -3.06 6.73
CA ALA B 362 4.26 -3.87 5.71
C ALA B 362 3.42 -4.99 6.33
N LEU B 363 3.42 -5.14 7.65
CA LEU B 363 2.78 -6.31 8.29
C LEU B 363 1.32 -6.37 7.88
N PRO B 364 0.79 -7.56 7.54
CA PRO B 364 -0.64 -7.74 7.41
C PRO B 364 -1.30 -7.93 8.79
N GLU B 365 -2.62 -7.83 8.84
CA GLU B 365 -3.39 -8.17 10.07
C GLU B 365 -3.54 -9.68 10.10
N THR B 366 -2.89 -10.34 11.04
CA THR B 366 -2.88 -11.81 11.12
C THR B 366 -2.57 -12.23 12.56
N THR B 367 -2.63 -13.53 12.81
CA THR B 367 -2.25 -14.16 14.08
C THR B 367 -1.05 -15.07 13.82
N ALA B 368 -0.34 -15.45 14.87
CA ALA B 368 0.79 -16.40 14.79
C ALA B 368 0.91 -17.08 16.14
N ASP B 369 1.56 -18.23 16.15
CA ASP B 369 1.99 -18.89 17.40
C ASP B 369 3.12 -18.08 18.02
N ILE B 370 4.09 -17.66 17.22
CA ILE B 370 5.24 -16.85 17.72
C ILE B 370 5.45 -15.66 16.77
N VAL B 371 5.59 -14.47 17.33
CA VAL B 371 6.12 -13.30 16.59
C VAL B 371 7.55 -13.12 17.06
N VAL B 372 8.51 -13.08 16.14
CA VAL B 372 9.95 -12.80 16.42
C VAL B 372 10.20 -11.42 15.82
N PHE B 373 10.51 -10.45 16.66
CA PHE B 373 10.82 -9.05 16.29
C PHE B 373 12.31 -8.88 16.55
N ASP B 374 13.08 -8.77 15.45
CA ASP B 374 14.56 -8.73 15.50
C ASP B 374 15.05 -7.29 15.36
N GLU B 375 16.32 -7.10 15.69
CA GLU B 375 17.04 -5.82 15.74
C GLU B 375 16.23 -4.80 16.54
N ILE B 376 15.88 -5.15 17.78
CA ILE B 376 14.94 -4.39 18.64
C ILE B 376 15.55 -3.05 19.05
N SER B 377 16.87 -2.91 19.15
CA SER B 377 17.53 -1.61 19.45
C SER B 377 17.10 -0.55 18.43
N MET B 378 16.77 -0.93 17.19
CA MET B 378 16.49 0.00 16.08
C MET B 378 15.00 0.35 16.05
N ALA B 379 14.18 -0.35 16.84
CA ALA B 379 12.72 -0.11 16.89
C ALA B 379 12.45 1.15 17.70
N THR B 380 11.37 1.84 17.33
CA THR B 380 10.77 2.94 18.11
C THR B 380 9.48 2.41 18.72
N ASN B 381 8.93 3.14 19.68
CA ASN B 381 7.66 2.76 20.34
C ASN B 381 6.58 2.74 19.28
N TYR B 382 6.72 3.56 18.24
CA TYR B 382 5.77 3.59 17.12
C TYR B 382 5.72 2.18 16.52
N ASP B 383 6.89 1.64 16.15
CA ASP B 383 7.04 0.27 15.60
C ASP B 383 6.46 -0.75 16.58
N LEU B 384 6.83 -0.66 17.85
CA LEU B 384 6.36 -1.65 18.87
C LEU B 384 4.83 -1.71 18.86
N SER B 385 4.19 -0.55 18.77
CA SER B 385 2.71 -0.44 18.81
C SER B 385 2.13 -1.06 17.54
N VAL B 386 2.67 -0.67 16.39
CA VAL B 386 2.15 -1.18 15.08
C VAL B 386 2.20 -2.71 15.10
N VAL B 387 3.27 -3.31 15.60
CA VAL B 387 3.35 -4.80 15.60
C VAL B 387 2.22 -5.37 16.44
N ASN B 388 1.99 -4.78 17.61
CA ASN B 388 0.93 -5.29 18.54
C ASN B 388 -0.44 -5.11 17.89
N ALA B 389 -0.62 -4.09 17.02
CA ALA B 389 -1.91 -3.79 16.36
C ALA B 389 -2.16 -4.74 15.20
N ARG B 390 -1.11 -5.13 14.48
CA ARG B 390 -1.20 -5.99 13.27
C ARG B 390 -1.21 -7.47 13.69
N LEU B 391 -0.41 -7.89 14.69
CA LEU B 391 -0.15 -9.33 15.01
C LEU B 391 -0.69 -9.73 16.39
N ARG B 392 -1.67 -10.62 16.43
CA ARG B 392 -2.11 -11.25 17.70
C ARG B 392 -1.42 -12.63 17.77
N ALA B 393 -0.47 -12.78 18.68
CA ALA B 393 0.40 -13.98 18.83
C ALA B 393 0.27 -14.57 20.24
N LYS B 394 0.44 -15.89 20.35
CA LYS B 394 0.54 -16.56 21.67
C LYS B 394 1.83 -16.11 22.34
N HIS B 395 2.91 -15.88 21.58
CA HIS B 395 4.23 -15.50 22.15
C HIS B 395 4.90 -14.48 21.27
N TYR B 396 5.57 -13.51 21.89
CA TYR B 396 6.31 -12.43 21.23
C TYR B 396 7.72 -12.60 21.72
N VAL B 397 8.69 -12.66 20.81
CA VAL B 397 10.13 -12.69 21.16
C VAL B 397 10.79 -11.45 20.55
N TYR B 398 11.43 -10.65 21.40
CA TYR B 398 12.10 -9.39 21.04
C TYR B 398 13.58 -9.69 21.09
N ILE B 399 14.23 -9.67 19.94
CA ILE B 399 15.69 -9.94 19.82
C ILE B 399 16.43 -8.67 19.39
N GLY B 400 17.49 -8.37 20.09
CA GLY B 400 18.36 -7.27 19.73
C GLY B 400 19.41 -7.11 20.79
N ASP B 401 19.89 -5.90 20.94
CA ASP B 401 21.00 -5.58 21.88
C ASP B 401 20.92 -4.11 22.23
N PRO B 402 20.50 -3.75 23.45
CA PRO B 402 20.41 -2.35 23.84
C PRO B 402 21.80 -1.71 23.96
N ALA B 403 22.87 -2.51 23.77
CA ALA B 403 24.27 -2.01 23.70
C ALA B 403 24.65 -1.70 22.26
N GLN B 404 23.76 -1.91 21.29
CA GLN B 404 24.07 -1.52 19.89
C GLN B 404 23.28 -0.24 19.56
N LEU B 405 23.25 0.15 18.28
CA LEU B 405 22.75 1.48 17.87
C LEU B 405 21.24 1.46 17.82
N PRO B 406 20.60 2.59 18.20
CA PRO B 406 19.19 2.81 18.01
C PRO B 406 18.85 3.43 16.66
N ALA B 407 17.57 3.47 16.29
CA ALA B 407 17.09 4.26 15.13
C ALA B 407 17.61 5.69 15.30
N PRO B 408 18.05 6.33 14.21
CA PRO B 408 18.38 7.76 14.26
C PRO B 408 17.16 8.59 14.70
N ARG B 409 17.39 9.54 15.59
CA ARG B 409 16.40 10.56 16.00
C ARG B 409 16.81 11.85 15.30
N THR B 410 16.29 12.06 14.10
CA THR B 410 16.70 13.17 13.19
C THR B 410 16.56 14.52 13.90
N LEU B 411 15.63 14.65 14.87
CA LEU B 411 15.33 15.94 15.56
C LEU B 411 16.19 16.14 16.80
N LEU B 412 16.80 15.09 17.35
CA LEU B 412 17.50 15.16 18.66
C LEU B 412 18.91 15.72 18.42
N THR B 413 19.25 16.83 19.06
CA THR B 413 20.54 17.53 18.85
C THR B 413 21.15 17.92 20.20
N LYS B 414 20.42 17.74 21.30
CA LYS B 414 20.82 18.21 22.65
C LYS B 414 20.61 17.07 23.65
N GLY B 415 21.70 16.65 24.29
CA GLY B 415 21.70 15.50 25.22
C GLY B 415 22.00 14.23 24.46
N THR B 416 22.25 13.15 25.19
CA THR B 416 22.45 11.80 24.65
C THR B 416 21.21 11.00 25.04
N LEU B 417 20.77 10.10 24.16
CA LEU B 417 19.67 9.13 24.41
C LEU B 417 20.25 7.83 24.95
N GLU B 418 20.04 7.55 26.23
CA GLU B 418 20.54 6.31 26.88
C GLU B 418 19.73 5.11 26.39
N PRO B 419 20.33 3.89 26.33
CA PRO B 419 19.64 2.70 25.85
C PRO B 419 18.31 2.35 26.53
N GLU B 420 18.15 2.66 27.81
CA GLU B 420 16.88 2.39 28.54
C GLU B 420 15.75 3.28 28.00
N TYR B 421 16.03 4.21 27.08
CA TYR B 421 15.02 5.12 26.51
C TYR B 421 14.87 4.91 25.01
N PHE B 422 15.48 3.87 24.40
CA PHE B 422 15.38 3.62 22.95
C PHE B 422 13.95 3.22 22.63
N ASN B 423 13.34 2.36 23.45
CA ASN B 423 11.93 1.91 23.31
C ASN B 423 11.55 1.13 24.58
N SER B 424 10.31 0.66 24.69
CA SER B 424 9.76 -0.09 25.85
C SER B 424 10.53 -1.40 26.05
N VAL B 425 10.96 -2.07 24.97
CA VAL B 425 11.68 -3.36 25.09
C VAL B 425 13.06 -3.09 25.67
N CYS B 426 13.80 -2.12 25.12
CA CYS B 426 15.15 -1.79 25.64
C CYS B 426 15.03 -1.26 27.07
N ARG B 427 13.97 -0.52 27.37
CA ARG B 427 13.74 -0.05 28.75
C ARG B 427 13.70 -1.28 29.67
N LEU B 428 12.84 -2.26 29.39
CA LEU B 428 12.79 -3.49 30.21
C LEU B 428 14.20 -4.10 30.28
N MET B 429 14.87 -4.30 29.14
CA MET B 429 16.17 -5.03 29.11
C MET B 429 17.17 -4.33 30.02
N LYS B 430 17.10 -3.01 30.13
CA LYS B 430 18.08 -2.22 30.91
C LYS B 430 17.64 -2.09 32.38
N THR B 431 16.34 -2.23 32.68
CA THR B 431 15.81 -2.02 34.06
C THR B 431 15.70 -3.38 34.78
N ILE B 432 14.88 -4.31 34.32
CA ILE B 432 14.72 -5.65 34.95
C ILE B 432 15.71 -6.64 34.34
N GLY B 433 16.45 -6.28 33.28
CA GLY B 433 17.37 -7.20 32.58
C GLY B 433 16.64 -8.01 31.51
N PRO B 434 17.36 -8.59 30.53
CA PRO B 434 16.72 -9.39 29.50
C PRO B 434 16.30 -10.76 30.02
N ASP B 435 15.23 -11.32 29.49
CA ASP B 435 14.84 -12.71 29.84
C ASP B 435 15.95 -13.68 29.43
N MET B 436 16.60 -13.46 28.28
CA MET B 436 17.60 -14.40 27.72
C MET B 436 18.82 -13.63 27.21
N PHE B 437 20.00 -14.23 27.37
CA PHE B 437 21.31 -13.60 27.02
C PHE B 437 22.15 -14.62 26.26
N LEU B 438 22.57 -14.31 25.03
CA LEU B 438 23.56 -15.12 24.27
C LEU B 438 24.94 -14.68 24.74
N GLY B 439 25.61 -15.49 25.58
CA GLY B 439 26.78 -15.04 26.36
C GLY B 439 28.10 -15.39 25.71
N THR B 440 28.13 -16.02 24.53
CA THR B 440 29.43 -16.40 23.89
C THR B 440 29.53 -15.80 22.47
N CYS B 441 30.48 -14.89 22.31
CA CYS B 441 30.79 -14.22 21.04
C CYS B 441 31.59 -15.20 20.18
N ARG B 442 31.06 -15.59 19.04
CA ARG B 442 31.68 -16.57 18.10
C ARG B 442 32.61 -15.80 17.15
N ARG B 443 32.35 -14.50 16.94
CA ARG B 443 32.90 -13.72 15.81
C ARG B 443 34.32 -13.22 16.15
N CYS B 444 34.50 -12.58 17.30
CA CYS B 444 35.57 -11.57 17.51
C CYS B 444 36.77 -12.17 18.24
N PRO B 445 38.00 -11.67 17.94
CA PRO B 445 39.18 -11.97 18.74
C PRO B 445 38.91 -11.69 20.22
N ALA B 446 39.59 -12.38 21.14
CA ALA B 446 39.27 -12.26 22.57
C ALA B 446 39.55 -10.82 23.03
N GLU B 447 40.50 -10.11 22.42
CA GLU B 447 40.85 -8.73 22.83
C GLU B 447 39.64 -7.81 22.69
N ILE B 448 38.87 -7.97 21.63
CA ILE B 448 37.64 -7.18 21.34
C ILE B 448 36.55 -7.65 22.29
N VAL B 449 36.41 -8.95 22.47
CA VAL B 449 35.31 -9.51 23.34
C VAL B 449 35.55 -9.00 24.77
N ASP B 450 36.79 -9.10 25.26
CA ASP B 450 37.10 -8.70 26.65
C ASP B 450 36.78 -7.20 26.80
N THR B 451 37.06 -6.41 25.76
CA THR B 451 36.91 -4.94 25.81
C THR B 451 35.43 -4.64 25.94
N VAL B 452 34.59 -5.19 25.08
CA VAL B 452 33.16 -4.77 25.05
C VAL B 452 32.45 -5.47 26.22
N SER B 453 32.88 -6.67 26.59
CA SER B 453 32.32 -7.35 27.77
C SER B 453 32.35 -6.40 28.97
N ALA B 454 33.49 -5.77 29.23
CA ALA B 454 33.70 -4.81 30.33
C ALA B 454 32.97 -3.51 30.01
N LEU B 455 33.04 -3.07 28.77
CA LEU B 455 32.53 -1.73 28.38
C LEU B 455 31.01 -1.71 28.57
N VAL B 456 30.29 -2.70 28.08
CA VAL B 456 28.80 -2.56 27.98
C VAL B 456 28.04 -3.81 28.40
N TYR B 457 28.69 -4.94 28.70
CA TYR B 457 27.95 -6.20 29.03
C TYR B 457 28.23 -6.67 30.45
N ASP B 458 28.66 -5.80 31.38
CA ASP B 458 28.87 -6.20 32.81
C ASP B 458 29.68 -7.49 32.89
N ASN B 459 30.66 -7.68 32.00
CA ASN B 459 31.66 -8.76 32.04
C ASN B 459 30.96 -10.10 31.89
N LYS B 460 29.80 -10.12 31.25
CA LYS B 460 29.01 -11.35 31.02
C LYS B 460 29.34 -11.93 29.65
N LEU B 461 30.01 -11.20 28.75
CA LEU B 461 30.21 -11.72 27.37
C LEU B 461 31.54 -12.48 27.30
N LYS B 462 31.50 -13.76 26.90
CA LYS B 462 32.71 -14.64 26.85
C LYS B 462 33.21 -14.78 25.40
N ALA B 463 34.52 -14.90 25.24
CA ALA B 463 35.21 -15.10 23.93
C ALA B 463 35.14 -16.58 23.57
N HIS B 464 34.72 -16.92 22.35
CA HIS B 464 34.94 -18.27 21.77
C HIS B 464 36.37 -18.35 21.24
N LYS B 465 36.78 -17.35 20.46
CA LYS B 465 38.12 -17.33 19.85
C LYS B 465 39.17 -16.94 20.89
N ASP B 466 40.41 -17.37 20.66
CA ASP B 466 41.57 -16.86 21.41
C ASP B 466 41.85 -15.39 21.01
N LYS B 467 42.82 -14.78 21.68
CA LYS B 467 43.44 -13.52 21.24
C LYS B 467 44.02 -13.76 19.83
N SER B 468 43.82 -12.80 18.93
CA SER B 468 44.37 -12.84 17.55
C SER B 468 45.78 -12.26 17.57
N ALA B 469 46.11 -11.43 18.55
CA ALA B 469 47.33 -10.60 18.58
C ALA B 469 47.36 -9.65 17.38
N GLN B 470 46.21 -9.44 16.73
CA GLN B 470 46.10 -8.51 15.57
C GLN B 470 45.11 -7.38 15.93
N CYS B 471 45.06 -7.01 17.20
CA CYS B 471 44.20 -5.94 17.73
C CYS B 471 45.11 -4.83 18.24
N PHE B 472 45.09 -3.68 17.56
CA PHE B 472 46.02 -2.56 17.82
C PHE B 472 45.26 -1.26 18.05
N LYS B 473 45.86 -0.39 18.85
CA LYS B 473 45.34 0.96 19.15
C LYS B 473 46.47 1.96 19.03
N MET B 474 46.17 3.11 18.45
N MET B 474 46.17 3.13 18.49
CA MET B 474 47.08 4.27 18.51
CA MET B 474 47.07 4.30 18.41
C MET B 474 46.28 5.42 19.14
C MET B 474 46.33 5.50 18.98
N PHE B 475 46.98 6.31 19.80
CA PHE B 475 46.43 7.56 20.36
C PHE B 475 46.97 8.71 19.51
N TYR B 476 46.11 9.31 18.68
CA TYR B 476 46.50 10.36 17.72
C TYR B 476 45.31 11.29 17.46
N LYS B 477 45.37 12.52 17.98
CA LYS B 477 44.25 13.50 17.88
C LYS B 477 44.21 14.11 16.48
N GLY B 478 45.37 14.22 15.84
CA GLY B 478 45.48 14.70 14.46
C GLY B 478 44.92 16.11 14.33
N VAL B 479 44.13 16.35 13.28
CA VAL B 479 43.56 17.68 12.96
C VAL B 479 42.13 17.42 12.52
N ILE B 480 41.18 18.08 13.16
CA ILE B 480 39.74 17.94 12.78
C ILE B 480 39.36 19.14 11.93
N THR B 481 38.78 18.84 10.79
CA THR B 481 38.14 19.81 9.91
C THR B 481 36.66 19.43 9.88
N HIS B 482 35.81 20.43 9.69
CA HIS B 482 34.34 20.31 9.64
C HIS B 482 33.93 20.80 8.27
N ASP B 483 32.99 20.11 7.66
CA ASP B 483 32.27 20.64 6.47
C ASP B 483 30.83 20.86 6.93
N VAL B 484 29.88 20.88 5.99
CA VAL B 484 28.47 21.30 6.24
C VAL B 484 27.92 20.56 7.47
N SER B 485 28.09 19.24 7.59
CA SER B 485 27.40 18.40 8.62
C SER B 485 28.19 17.14 9.01
N SER B 486 29.52 17.17 8.92
CA SER B 486 30.37 15.99 9.17
C SER B 486 31.76 16.45 9.60
N ALA B 487 32.61 15.53 10.04
CA ALA B 487 34.01 15.79 10.45
C ALA B 487 34.97 14.96 9.60
N ILE B 488 36.20 15.44 9.52
CA ILE B 488 37.28 14.81 8.73
C ILE B 488 38.53 14.94 9.59
N ASN B 489 39.36 13.89 9.62
CA ASN B 489 40.65 13.91 10.35
C ASN B 489 41.72 13.35 9.41
N ARG B 490 42.26 14.21 8.55
CA ARG B 490 43.19 13.79 7.46
C ARG B 490 44.41 13.16 8.11
N PRO B 491 45.01 13.77 9.13
CA PRO B 491 46.19 13.14 9.73
C PRO B 491 45.89 11.74 10.25
N GLN B 492 44.68 11.44 10.75
CA GLN B 492 44.35 10.05 11.19
C GLN B 492 44.36 9.11 9.99
N ILE B 493 43.86 9.57 8.84
CA ILE B 493 43.92 8.79 7.58
C ILE B 493 45.39 8.63 7.17
N GLY B 494 46.21 9.66 7.32
CA GLY B 494 47.65 9.58 7.00
C GLY B 494 48.35 8.54 7.86
N VAL B 495 48.00 8.45 9.14
CA VAL B 495 48.57 7.42 10.05
C VAL B 495 48.19 6.03 9.49
N VAL B 496 46.96 5.88 9.01
CA VAL B 496 46.48 4.60 8.45
C VAL B 496 47.28 4.32 7.17
N ARG B 497 47.51 5.35 6.36
CA ARG B 497 48.27 5.23 5.08
C ARG B 497 49.65 4.65 5.39
N GLU B 498 50.36 5.21 6.38
CA GLU B 498 51.71 4.74 6.77
C GLU B 498 51.62 3.32 7.35
N PHE B 499 50.57 3.00 8.10
CA PHE B 499 50.39 1.63 8.65
C PHE B 499 50.23 0.65 7.49
N LEU B 500 49.46 1.01 6.47
CA LEU B 500 49.18 0.05 5.36
C LEU B 500 50.45 -0.21 4.56
N THR B 501 51.36 0.78 4.42
CA THR B 501 52.62 0.59 3.65
C THR B 501 53.51 -0.41 4.39
N ARG B 502 53.45 -0.46 5.73
CA ARG B 502 54.22 -1.46 6.52
C ARG B 502 53.40 -2.72 6.86
N ASN B 503 52.15 -2.85 6.42
CA ASN B 503 51.25 -3.98 6.81
C ASN B 503 50.29 -4.31 5.67
N PRO B 504 50.83 -4.73 4.50
CA PRO B 504 50.02 -5.05 3.33
C PRO B 504 48.89 -6.06 3.50
N ALA B 505 49.00 -7.01 4.44
CA ALA B 505 47.88 -7.94 4.77
C ALA B 505 46.62 -7.09 4.99
N TRP B 506 46.77 -5.89 5.58
CA TRP B 506 45.64 -5.06 6.07
C TRP B 506 44.96 -4.32 4.91
N ARG B 507 45.47 -4.42 3.68
CA ARG B 507 44.89 -3.75 2.50
C ARG B 507 43.56 -4.42 2.17
N LYS B 508 43.24 -5.53 2.80
CA LYS B 508 41.89 -6.17 2.69
C LYS B 508 40.94 -5.66 3.82
N ALA B 509 41.37 -4.73 4.66
CA ALA B 509 40.54 -4.22 5.79
C ALA B 509 39.36 -3.38 5.27
N VAL B 510 38.29 -3.37 6.05
CA VAL B 510 37.23 -2.35 5.88
C VAL B 510 37.60 -1.15 6.74
N PHE B 511 37.42 0.04 6.19
CA PHE B 511 37.63 1.32 6.89
C PHE B 511 36.32 1.76 7.53
N ILE B 512 36.38 2.07 8.81
CA ILE B 512 35.17 2.49 9.57
C ILE B 512 35.49 3.77 10.31
N SER B 513 34.54 4.69 10.30
CA SER B 513 34.60 5.91 11.14
C SER B 513 33.19 6.31 11.50
N PRO B 514 33.04 7.24 12.46
CA PRO B 514 31.72 7.75 12.83
C PRO B 514 31.19 8.76 11.82
N TYR B 515 31.94 9.11 10.78
CA TYR B 515 31.56 10.24 9.88
C TYR B 515 31.65 9.86 8.41
N ASN B 516 30.59 10.14 7.65
CA ASN B 516 30.54 9.90 6.17
C ASN B 516 31.64 10.72 5.46
N SER B 517 31.96 11.93 5.90
CA SER B 517 32.99 12.75 5.23
C SER B 517 34.38 12.17 5.47
N GLN B 518 34.66 11.70 6.69
CA GLN B 518 35.93 11.03 7.02
C GLN B 518 36.07 9.86 6.04
N ASN B 519 35.01 9.06 5.91
CA ASN B 519 34.91 7.88 5.02
C ASN B 519 35.17 8.28 3.56
N ALA B 520 34.60 9.38 3.07
CA ALA B 520 34.74 9.81 1.65
C ALA B 520 36.22 10.11 1.38
N VAL B 521 36.89 10.76 2.33
CA VAL B 521 38.32 11.12 2.20
C VAL B 521 39.16 9.84 2.29
N ALA B 522 38.88 8.93 3.23
CA ALA B 522 39.63 7.67 3.44
C ALA B 522 39.55 6.82 2.17
N SER B 523 38.38 6.75 1.55
CA SER B 523 38.14 5.95 0.32
C SER B 523 39.09 6.37 -0.80
N LYS B 524 39.25 7.68 -1.02
CA LYS B 524 40.11 8.26 -2.08
C LYS B 524 41.58 8.02 -1.70
N ILE B 525 41.97 8.22 -0.45
CA ILE B 525 43.40 8.15 -0.03
C ILE B 525 43.86 6.70 0.18
N LEU B 526 42.99 5.82 0.67
CA LEU B 526 43.41 4.47 1.10
C LEU B 526 42.93 3.44 0.08
N GLY B 527 41.79 3.68 -0.57
CA GLY B 527 41.19 2.70 -1.48
C GLY B 527 40.49 1.56 -0.76
N LEU B 528 40.41 1.58 0.56
CA LEU B 528 39.65 0.57 1.34
C LEU B 528 38.15 0.78 1.12
N PRO B 529 37.34 -0.29 1.15
CA PRO B 529 35.90 -0.13 1.28
C PRO B 529 35.62 0.57 2.62
N THR B 530 34.61 1.43 2.67
CA THR B 530 34.28 2.25 3.86
C THR B 530 32.84 1.99 4.31
N GLN B 531 32.61 2.14 5.60
CA GLN B 531 31.30 2.02 6.30
C GLN B 531 31.30 3.03 7.44
N THR B 532 30.19 3.70 7.68
CA THR B 532 29.97 4.41 8.95
C THR B 532 29.75 3.31 10.00
N VAL B 533 29.99 3.63 11.26
CA VAL B 533 29.69 2.64 12.32
C VAL B 533 28.24 2.21 12.15
N ASP B 534 27.35 3.18 11.92
CA ASP B 534 25.88 2.98 11.83
C ASP B 534 25.56 2.03 10.68
N SER B 535 26.17 2.20 9.51
CA SER B 535 25.90 1.31 8.35
C SER B 535 26.59 -0.05 8.51
N SER B 536 27.59 -0.20 9.39
CA SER B 536 28.34 -1.45 9.63
C SER B 536 27.56 -2.42 10.54
N GLN B 537 26.56 -1.93 11.27
CA GLN B 537 25.78 -2.72 12.27
C GLN B 537 25.18 -3.92 11.55
N GLY B 538 25.43 -5.12 12.06
CA GLY B 538 24.95 -6.39 11.47
C GLY B 538 25.93 -7.02 10.50
N SER B 539 27.02 -6.35 10.11
CA SER B 539 28.02 -6.87 9.15
C SER B 539 29.27 -7.31 9.90
N GLU B 540 30.11 -8.14 9.27
CA GLU B 540 31.41 -8.51 9.87
C GLU B 540 32.47 -8.54 8.78
N TYR B 541 33.72 -8.34 9.16
CA TYR B 541 34.87 -8.24 8.24
C TYR B 541 36.08 -8.80 8.99
N ASP B 542 37.01 -9.42 8.26
CA ASP B 542 38.21 -10.03 8.85
C ASP B 542 38.99 -8.93 9.54
N TYR B 543 39.23 -7.84 8.83
CA TYR B 543 40.07 -6.73 9.30
C TYR B 543 39.32 -5.41 9.21
N VAL B 544 39.39 -4.65 10.28
CA VAL B 544 38.71 -3.33 10.40
C VAL B 544 39.78 -2.34 10.77
N ILE B 545 39.82 -1.21 10.08
CA ILE B 545 40.62 -0.02 10.50
C ILE B 545 39.62 1.07 10.88
N PHE B 546 39.71 1.54 12.13
CA PHE B 546 38.74 2.50 12.70
C PHE B 546 39.52 3.76 13.04
N THR B 547 39.09 4.88 12.49
CA THR B 547 39.56 6.22 12.91
C THR B 547 38.41 6.88 13.68
N GLN B 548 38.59 7.12 14.97
CA GLN B 548 37.58 7.83 15.78
C GLN B 548 37.24 9.20 15.17
N THR B 549 38.21 9.88 14.53
CA THR B 549 38.02 11.17 13.81
C THR B 549 37.97 12.36 14.79
N THR B 550 37.00 12.37 15.72
CA THR B 550 36.81 13.42 16.77
C THR B 550 36.67 12.77 18.16
N GLU B 551 36.63 13.58 19.23
CA GLU B 551 36.21 13.10 20.58
C GLU B 551 34.93 13.83 20.99
N THR B 552 33.92 13.80 20.14
CA THR B 552 32.55 14.30 20.44
C THR B 552 31.73 13.22 21.17
N ALA B 553 30.56 13.59 21.69
CA ALA B 553 29.56 12.65 22.24
C ALA B 553 29.23 11.61 21.17
N HIS B 554 29.13 12.03 19.91
CA HIS B 554 28.82 11.13 18.76
C HIS B 554 29.92 10.05 18.65
N SER B 555 31.19 10.42 18.64
CA SER B 555 32.28 9.49 18.31
C SER B 555 32.74 8.73 19.56
N CYS B 556 32.31 9.16 20.76
CA CYS B 556 32.63 8.51 22.06
C CYS B 556 31.42 7.70 22.53
N ASN B 557 30.32 7.67 21.80
CA ASN B 557 29.10 6.98 22.29
C ASN B 557 29.46 5.51 22.47
N VAL B 558 29.20 4.92 23.65
CA VAL B 558 29.73 3.58 23.99
C VAL B 558 29.03 2.54 23.09
N ASN B 559 27.77 2.75 22.74
CA ASN B 559 27.03 1.84 21.82
C ASN B 559 27.69 1.87 20.43
N ARG B 560 28.03 3.05 19.95
CA ARG B 560 28.64 3.21 18.61
C ARG B 560 30.00 2.53 18.65
N PHE B 561 30.78 2.77 19.69
CA PHE B 561 32.14 2.22 19.84
C PHE B 561 32.07 0.70 19.82
N ASN B 562 31.14 0.16 20.61
CA ASN B 562 30.84 -1.28 20.75
C ASN B 562 30.64 -1.87 19.35
N VAL B 563 29.73 -1.28 18.57
CA VAL B 563 29.41 -1.75 17.20
C VAL B 563 30.67 -1.67 16.34
N ALA B 564 31.43 -0.58 16.47
CA ALA B 564 32.60 -0.30 15.62
C ALA B 564 33.59 -1.48 15.73
N ILE B 565 34.01 -1.84 16.93
CA ILE B 565 35.16 -2.76 17.14
C ILE B 565 34.72 -4.22 17.06
N THR B 566 33.42 -4.53 17.13
CA THR B 566 32.86 -5.89 17.09
C THR B 566 32.50 -6.30 15.67
N ARG B 567 32.91 -5.51 14.65
CA ARG B 567 32.75 -5.91 13.23
C ARG B 567 33.88 -6.86 12.83
N ALA B 568 34.96 -6.93 13.62
CA ALA B 568 36.24 -7.58 13.26
C ALA B 568 36.21 -9.07 13.65
N LYS B 569 36.51 -9.96 12.70
CA LYS B 569 36.70 -11.41 12.94
C LYS B 569 38.13 -11.75 13.32
N VAL B 570 39.11 -10.97 12.85
CA VAL B 570 40.55 -11.33 13.01
C VAL B 570 41.33 -10.19 13.63
N GLY B 571 41.34 -9.03 13.00
CA GLY B 571 42.18 -7.93 13.48
C GLY B 571 41.48 -6.59 13.40
N ILE B 572 41.95 -5.64 14.18
CA ILE B 572 41.41 -4.26 14.17
C ILE B 572 42.56 -3.33 14.51
N LEU B 573 42.61 -2.20 13.81
CA LEU B 573 43.46 -1.04 14.16
C LEU B 573 42.52 0.11 14.57
N CYS B 574 42.65 0.62 15.78
CA CYS B 574 41.83 1.76 16.25
C CYS B 574 42.74 2.97 16.40
N ILE B 575 42.54 3.99 15.56
CA ILE B 575 43.20 5.32 15.72
C ILE B 575 42.23 6.15 16.56
N MET B 576 42.61 6.43 17.80
CA MET B 576 41.69 6.99 18.83
C MET B 576 42.03 8.46 19.09
N SER B 577 40.98 9.24 19.31
CA SER B 577 41.02 10.67 19.70
C SER B 577 40.80 10.77 21.21
N ASP B 578 40.00 9.86 21.75
CA ASP B 578 39.47 9.92 23.14
C ASP B 578 40.39 9.11 24.02
N ARG B 579 41.07 9.74 24.98
CA ARG B 579 41.96 9.04 25.94
C ARG B 579 41.18 7.97 26.69
N ASP B 580 39.93 8.25 27.03
CA ASP B 580 39.05 7.36 27.85
C ASP B 580 38.91 6.04 27.09
N LEU B 581 38.29 6.06 25.91
CA LEU B 581 38.00 4.84 25.13
C LEU B 581 39.33 4.18 24.74
N TYR B 582 40.38 4.96 24.49
CA TYR B 582 41.69 4.41 24.13
C TYR B 582 42.16 3.51 25.28
N ASP B 583 42.04 3.99 26.51
CA ASP B 583 42.57 3.31 27.72
C ASP B 583 41.70 2.08 27.99
N LYS B 584 40.43 2.08 27.58
CA LYS B 584 39.54 0.88 27.72
C LYS B 584 39.85 -0.21 26.68
N LEU B 585 40.43 0.12 25.52
CA LEU B 585 40.77 -0.92 24.49
C LEU B 585 41.87 -1.84 25.03
N GLN B 586 41.61 -3.15 25.06
CA GLN B 586 42.58 -4.16 25.56
C GLN B 586 43.37 -4.66 24.36
N PHE B 587 44.03 -3.73 23.70
CA PHE B 587 44.70 -3.89 22.39
C PHE B 587 46.15 -3.52 22.63
N THR B 588 47.02 -4.00 21.78
CA THR B 588 48.45 -3.66 21.75
C THR B 588 48.54 -2.22 21.29
N SER B 589 49.25 -1.37 22.01
CA SER B 589 49.45 0.03 21.61
C SER B 589 50.62 0.10 20.61
N LEU B 590 50.47 0.96 19.61
CA LEU B 590 51.50 1.23 18.59
C LEU B 590 51.95 2.68 18.78
N GLU B 591 53.25 2.96 18.65
CA GLU B 591 53.78 4.34 18.69
C GLU B 591 53.42 5.01 17.35
N ILE B 592 53.31 6.33 17.36
CA ILE B 592 53.01 7.19 16.18
C ILE B 592 54.29 7.38 15.38
N PRO B 593 54.31 7.08 14.06
CA PRO B 593 55.43 7.45 13.20
C PRO B 593 55.49 8.95 12.85
#